data_9GQN
#
_entry.id   9GQN
#
_cell.length_a   1.00
_cell.length_b   1.00
_cell.length_c   1.00
_cell.angle_alpha   90.00
_cell.angle_beta   90.00
_cell.angle_gamma   90.00
#
_symmetry.space_group_name_H-M   'P 1'
#
_entity_poly.entity_id   1
_entity_poly.type   'polypeptide(L)'
_entity_poly.pdbx_seq_one_letter_code
;MAMRNFAADRVHGVESVISGSKSSSNPMALSKSMDKPDTSDLVDSNVQAKNDGSRYEEDFTAKYSEQVDHVSKILKEIEE
QEPGTIIIDHKAFPIQDKSPKQVVNFPFPKKMITESNSKDIREYLASTFPFEQQSTILDSVKSIAKVQIDDRKAFDLQLK
FRQENLAELKDQIILSLGANNGNQNWQKLLDYTNKLDELSNTKISPEEFIEEIQKVLYKVKLESTSTSKLYSQFNLSIQD
FALQIIHSKYKSNQISQNDLLKLITEDEMLKILAKTKVLTYKMKYFDSASKMGINKYISTEMMDLDWQFSHYKTFNDALK
KNKASDSSYLGWLTHGYSIKYGLSPNNERSMFFQDGRKYAELYAFSKSPHRKIIPGEHLKDLLAKINKSKGIFLDQNALL
DKRIYAFHELNTLETHFPGITSSFTDDLKSNYRKKMESVSLTCQVLQEIGNIHRFIESKVPYHSSTEYGLFSIPKIFSIP
IDYKHGEKENLVSYVDFLYSTAHERILQDNSINQLCLDPLQESLNRIKSNIPVFFNLASHSSPIKPSNVHEGKLNPAFLY
KVVDIKAADITSLYKKVGWSHPQFEKGGGSGGGSGGGSWSHPQFEKGTELGSTMASYPYDVPDYA
;
_entity_poly.pdbx_strand_id   A,B
#
# COMPACT_ATOMS: atom_id res chain seq x y z
N PHE A 108 -15.62 -47.33 -0.13
CA PHE A 108 -16.29 -47.46 -1.41
C PHE A 108 -15.26 -47.59 -2.53
N PRO A 109 -15.37 -48.60 -3.38
CA PRO A 109 -14.43 -48.75 -4.49
C PRO A 109 -14.50 -47.55 -5.43
N LYS A 110 -13.34 -47.16 -5.96
CA LYS A 110 -13.29 -46.02 -6.86
C LYS A 110 -13.72 -46.46 -8.25
N LYS A 111 -14.05 -45.51 -9.10
CA LYS A 111 -14.76 -45.78 -10.35
C LYS A 111 -13.80 -45.81 -11.53
N MET A 112 -14.02 -46.76 -12.42
CA MET A 112 -13.23 -46.90 -13.65
C MET A 112 -14.17 -47.29 -14.78
N ILE A 113 -14.67 -46.30 -15.51
CA ILE A 113 -15.63 -46.56 -16.59
C ILE A 113 -15.20 -45.83 -17.86
N THR A 114 -13.92 -45.42 -17.92
CA THR A 114 -13.37 -44.75 -19.09
C THR A 114 -14.15 -43.50 -19.45
N GLU A 115 -14.00 -43.03 -20.70
CA GLU A 115 -14.69 -41.83 -21.18
C GLU A 115 -15.16 -42.07 -22.62
N SER A 116 -16.43 -42.46 -22.77
CA SER A 116 -17.03 -42.66 -24.07
C SER A 116 -18.54 -42.51 -23.96
N ASN A 117 -19.16 -42.08 -25.06
CA ASN A 117 -20.60 -41.86 -25.13
C ASN A 117 -21.05 -40.89 -24.05
N SER A 118 -20.59 -39.63 -24.12
CA SER A 118 -20.92 -38.62 -23.14
C SER A 118 -21.83 -37.54 -23.72
N LYS A 119 -22.51 -37.84 -24.84
CA LYS A 119 -23.36 -36.87 -25.48
C LYS A 119 -24.52 -36.43 -24.59
N ASP A 120 -25.14 -37.38 -23.88
CA ASP A 120 -26.28 -37.07 -23.03
C ASP A 120 -25.91 -36.16 -21.86
N ILE A 121 -24.76 -36.41 -21.22
CA ILE A 121 -24.34 -35.54 -20.12
C ILE A 121 -23.93 -34.16 -20.62
N ARG A 122 -23.17 -34.09 -21.71
CA ARG A 122 -22.75 -32.79 -22.23
C ARG A 122 -23.93 -31.88 -22.53
N GLU A 123 -24.98 -32.43 -23.16
CA GLU A 123 -26.16 -31.64 -23.49
C GLU A 123 -26.87 -31.14 -22.24
N TYR A 124 -27.03 -32.00 -21.23
CA TYR A 124 -27.72 -31.61 -20.00
C TYR A 124 -27.04 -30.43 -19.32
N LEU A 125 -25.70 -30.46 -19.19
CA LEU A 125 -24.99 -29.39 -18.52
C LEU A 125 -25.07 -28.07 -19.27
N ALA A 126 -25.18 -28.11 -20.59
CA ALA A 126 -25.28 -26.91 -21.42
C ALA A 126 -26.68 -26.32 -21.46
N SER A 127 -27.69 -27.01 -20.91
CA SER A 127 -29.06 -26.54 -20.95
C SER A 127 -29.69 -26.40 -19.56
N THR A 128 -28.94 -26.65 -18.49
CA THR A 128 -29.48 -26.60 -17.14
C THR A 128 -28.74 -25.58 -16.29
N PHE A 129 -29.51 -24.71 -15.64
CA PHE A 129 -28.98 -23.72 -14.71
C PHE A 129 -28.57 -24.39 -13.40
N PRO A 130 -27.41 -24.01 -12.83
CA PRO A 130 -26.43 -23.00 -13.25
C PRO A 130 -25.25 -23.55 -14.05
N PHE A 131 -25.24 -24.86 -14.33
CA PHE A 131 -24.15 -25.49 -15.07
C PHE A 131 -23.87 -24.81 -16.42
N GLU A 132 -24.88 -24.20 -17.04
CA GLU A 132 -24.68 -23.53 -18.33
C GLU A 132 -23.82 -22.28 -18.19
N GLN A 133 -23.81 -21.67 -17.01
CA GLN A 133 -23.06 -20.45 -16.73
C GLN A 133 -21.63 -20.74 -16.27
N GLN A 134 -21.16 -21.97 -16.44
CA GLN A 134 -19.81 -22.32 -16.01
C GLN A 134 -19.28 -23.46 -16.89
N SER A 135 -17.97 -23.68 -16.82
CA SER A 135 -17.25 -24.72 -17.53
C SER A 135 -17.09 -25.93 -16.62
N THR A 136 -16.49 -26.98 -17.18
CA THR A 136 -16.22 -28.20 -16.43
C THR A 136 -14.86 -28.74 -16.83
N ILE A 137 -14.27 -29.54 -15.93
CA ILE A 137 -13.00 -30.20 -16.24
C ILE A 137 -13.16 -31.19 -17.38
N LEU A 138 -14.32 -31.81 -17.51
CA LEU A 138 -14.56 -32.74 -18.62
C LEU A 138 -14.57 -32.00 -19.94
N ASP A 139 -13.47 -31.33 -20.28
CA ASP A 139 -13.33 -30.66 -21.56
C ASP A 139 -11.96 -30.86 -22.19
N SER A 140 -10.96 -31.30 -21.44
CA SER A 140 -9.64 -31.59 -22.00
C SER A 140 -9.50 -33.03 -22.44
N VAL A 141 -10.44 -33.90 -22.05
CA VAL A 141 -10.38 -35.30 -22.48
C VAL A 141 -10.73 -35.39 -23.95
N LYS A 142 -9.90 -36.09 -24.70
CA LYS A 142 -10.07 -36.20 -26.16
C LYS A 142 -11.05 -37.33 -26.45
N SER A 143 -12.24 -37.23 -25.88
CA SER A 143 -13.29 -38.22 -26.13
C SER A 143 -14.66 -37.56 -26.18
N ILE A 144 -14.71 -36.25 -26.04
CA ILE A 144 -15.98 -35.54 -26.05
C ILE A 144 -16.04 -34.60 -27.26
N PHE A 155 -26.51 -15.03 -21.87
CA PHE A 155 -26.83 -13.60 -21.83
C PHE A 155 -28.32 -13.42 -22.11
N ASP A 156 -28.78 -12.17 -22.02
CA ASP A 156 -30.19 -11.81 -22.20
C ASP A 156 -31.06 -12.42 -21.09
N LEU A 157 -30.46 -13.23 -20.23
CA LEU A 157 -31.13 -13.75 -19.05
C LEU A 157 -30.46 -13.28 -17.76
N GLN A 158 -29.19 -12.89 -17.84
CA GLN A 158 -28.49 -12.36 -16.68
C GLN A 158 -29.00 -10.98 -16.29
N LEU A 159 -29.54 -10.22 -17.24
CA LEU A 159 -30.04 -8.88 -16.96
C LEU A 159 -31.23 -8.88 -16.03
N LYS A 160 -32.27 -9.67 -16.32
CA LYS A 160 -33.44 -9.76 -15.46
C LYS A 160 -33.15 -10.44 -14.14
N PHE A 161 -32.17 -11.35 -14.10
CA PHE A 161 -31.74 -12.00 -12.87
C PHE A 161 -31.07 -11.03 -11.91
N ARG A 162 -30.16 -10.20 -12.42
CA ARG A 162 -29.44 -9.21 -11.64
C ARG A 162 -30.32 -8.06 -11.18
N GLN A 163 -31.29 -7.67 -12.01
CA GLN A 163 -32.23 -6.60 -11.67
C GLN A 163 -33.11 -6.96 -10.47
N GLU A 164 -33.55 -8.22 -10.40
CA GLU A 164 -34.41 -8.66 -9.30
C GLU A 164 -33.66 -8.75 -7.98
N ASN A 165 -32.36 -9.08 -8.01
CA ASN A 165 -31.58 -9.12 -6.78
C ASN A 165 -31.46 -7.73 -6.14
N LEU A 166 -31.24 -6.69 -6.95
CA LEU A 166 -31.20 -5.34 -6.42
C LEU A 166 -32.51 -4.93 -5.77
N ALA A 167 -33.64 -5.36 -6.32
CA ALA A 167 -34.95 -5.04 -5.75
C ALA A 167 -35.15 -5.67 -4.38
N GLU A 168 -34.67 -6.90 -4.17
CA GLU A 168 -34.79 -7.56 -2.87
C GLU A 168 -33.91 -6.92 -1.81
N LEU A 169 -32.70 -6.49 -2.18
CA LEU A 169 -31.83 -5.82 -1.23
C LEU A 169 -32.46 -4.51 -0.76
N LYS A 170 -32.95 -3.70 -1.71
CA LYS A 170 -33.63 -2.45 -1.39
C LYS A 170 -34.81 -2.67 -0.45
N ASP A 171 -35.61 -3.69 -0.69
CA ASP A 171 -36.76 -3.99 0.16
C ASP A 171 -36.38 -4.30 1.61
N GLN A 172 -35.24 -4.95 1.86
CA GLN A 172 -34.84 -5.23 3.23
C GLN A 172 -34.30 -4.00 3.95
N ILE A 173 -33.63 -3.11 3.24
CA ILE A 173 -33.14 -1.87 3.85
C ILE A 173 -34.30 -0.99 4.30
N ILE A 174 -35.33 -0.85 3.48
CA ILE A 174 -36.51 -0.05 3.82
C ILE A 174 -37.12 -0.50 5.14
N LEU A 175 -37.25 -1.81 5.35
CA LEU A 175 -37.81 -2.36 6.58
C LEU A 175 -36.94 -2.06 7.79
N SER A 176 -35.61 -2.19 7.68
CA SER A 176 -34.75 -1.91 8.83
C SER A 176 -34.80 -0.45 9.28
N LEU A 177 -35.06 0.51 8.39
CA LEU A 177 -35.16 1.90 8.84
C LEU A 177 -36.36 2.13 9.76
N GLY A 178 -37.26 1.15 9.82
CA GLY A 178 -38.42 1.24 10.70
C GLY A 178 -38.10 0.78 12.10
N ALA A 179 -36.81 0.61 12.39
CA ALA A 179 -36.38 0.18 13.72
C ALA A 179 -35.23 1.05 14.22
N ASN A 185 -25.93 4.29 9.86
CA ASN A 185 -26.79 5.14 9.07
C ASN A 185 -27.36 4.39 7.88
N TRP A 186 -28.52 3.74 8.09
CA TRP A 186 -29.18 3.00 7.03
C TRP A 186 -29.69 3.90 5.91
N GLN A 187 -30.01 5.16 6.23
CA GLN A 187 -30.51 6.08 5.21
C GLN A 187 -29.50 6.24 4.07
N LYS A 188 -28.21 6.30 4.41
CA LYS A 188 -27.14 6.45 3.43
C LYS A 188 -27.05 5.27 2.47
N LEU A 189 -27.24 4.05 2.96
CA LEU A 189 -27.19 2.83 2.15
C LEU A 189 -28.31 2.80 1.11
N LEU A 190 -29.49 3.31 1.47
CA LEU A 190 -30.62 3.34 0.55
C LEU A 190 -30.36 4.28 -0.61
N ASP A 191 -29.70 5.42 -0.38
CA ASP A 191 -29.37 6.32 -1.48
C ASP A 191 -28.47 5.63 -2.49
N TYR A 192 -27.43 4.93 -2.03
CA TYR A 192 -26.53 4.25 -2.94
C TYR A 192 -27.27 3.16 -3.72
N THR A 193 -28.11 2.39 -3.02
CA THR A 193 -28.86 1.32 -3.67
C THR A 193 -29.78 1.88 -4.75
N ASN A 194 -30.51 2.95 -4.43
CA ASN A 194 -31.38 3.59 -5.40
C ASN A 194 -30.60 4.19 -6.57
N LYS A 195 -29.45 4.80 -6.31
CA LYS A 195 -28.59 5.36 -7.36
C LYS A 195 -28.07 4.30 -8.32
N LEU A 196 -27.68 3.13 -7.81
CA LEU A 196 -27.22 2.08 -8.72
C LEU A 196 -28.35 1.55 -9.59
N ASP A 197 -29.53 1.33 -9.03
CA ASP A 197 -30.68 0.92 -9.83
C ASP A 197 -31.00 1.97 -10.89
N GLU A 198 -30.96 3.25 -10.51
CA GLU A 198 -31.24 4.32 -11.46
C GLU A 198 -30.20 4.38 -12.58
N LEU A 199 -28.92 4.26 -12.23
CA LEU A 199 -27.85 4.32 -13.23
C LEU A 199 -27.85 3.13 -14.19
N SER A 200 -28.24 1.95 -13.73
CA SER A 200 -28.19 0.76 -14.57
C SER A 200 -29.27 0.71 -15.64
N ASN A 201 -30.48 1.17 -15.35
CA ASN A 201 -31.58 1.07 -16.32
C ASN A 201 -31.76 2.36 -17.10
N THR A 202 -30.66 2.95 -17.56
CA THR A 202 -30.70 4.19 -18.33
C THR A 202 -29.57 4.17 -19.36
N LYS A 203 -29.89 4.55 -20.61
CA LYS A 203 -28.94 4.58 -21.70
C LYS A 203 -28.33 5.98 -21.77
N ILE A 204 -27.20 6.19 -21.09
CA ILE A 204 -26.57 7.50 -21.08
C ILE A 204 -25.21 7.44 -21.75
N SER A 205 -24.47 8.55 -21.72
CA SER A 205 -23.17 8.64 -22.35
C SER A 205 -22.11 7.89 -21.53
N PRO A 206 -21.19 7.21 -22.20
CA PRO A 206 -20.09 6.53 -21.48
C PRO A 206 -19.33 7.40 -20.48
N GLU A 207 -19.06 8.65 -20.86
CA GLU A 207 -18.35 9.57 -19.98
C GLU A 207 -19.10 9.79 -18.67
N GLU A 208 -20.42 9.96 -18.74
CA GLU A 208 -21.19 10.17 -17.53
C GLU A 208 -21.25 8.92 -16.69
N PHE A 209 -21.43 7.74 -17.30
CA PHE A 209 -21.41 6.51 -16.53
C PHE A 209 -20.08 6.33 -15.79
N ILE A 210 -18.95 6.52 -16.48
CA ILE A 210 -17.65 6.39 -15.81
C ILE A 210 -17.55 7.31 -14.61
N GLU A 211 -17.81 8.60 -14.79
CA GLU A 211 -17.70 9.54 -13.67
C GLU A 211 -18.63 9.24 -12.51
N GLU A 212 -19.88 8.87 -12.79
CA GLU A 212 -20.83 8.58 -11.72
C GLU A 212 -20.47 7.32 -10.93
N ILE A 213 -20.08 6.25 -11.62
CA ILE A 213 -19.76 5.00 -10.93
C ILE A 213 -18.50 5.13 -10.08
N GLN A 214 -17.51 5.88 -10.55
CA GLN A 214 -16.28 6.07 -9.77
C GLN A 214 -16.56 6.68 -8.41
N LYS A 215 -17.44 7.69 -8.34
CA LYS A 215 -17.79 8.33 -7.08
C LYS A 215 -18.34 7.32 -6.07
N VAL A 216 -19.31 6.50 -6.47
CA VAL A 216 -19.89 5.49 -5.58
C VAL A 216 -18.87 4.52 -5.01
N LEU A 217 -18.06 3.90 -5.87
CA LEU A 217 -17.10 2.90 -5.42
C LEU A 217 -16.03 3.43 -4.46
N TYR A 218 -15.45 4.61 -4.71
CA TYR A 218 -14.41 5.16 -3.86
C TYR A 218 -14.91 5.64 -2.51
N LYS A 219 -16.17 6.08 -2.42
CA LYS A 219 -16.72 6.56 -1.16
C LYS A 219 -17.30 5.46 -0.28
N VAL A 220 -17.16 4.19 -0.63
CA VAL A 220 -17.71 3.11 0.18
C VAL A 220 -16.59 2.40 0.92
N SER A 228 -21.73 -2.84 13.04
CA SER A 228 -22.42 -4.09 13.31
C SER A 228 -22.20 -5.10 12.20
N LYS A 229 -22.46 -6.36 12.49
CA LYS A 229 -22.27 -7.46 11.54
C LYS A 229 -23.18 -7.34 10.32
N LEU A 230 -24.45 -6.99 10.52
CA LEU A 230 -25.42 -6.82 9.45
C LEU A 230 -25.06 -5.71 8.47
N TYR A 231 -24.58 -4.57 8.96
CA TYR A 231 -24.18 -3.43 8.15
C TYR A 231 -23.05 -3.75 7.17
N SER A 232 -22.02 -4.46 7.61
CA SER A 232 -20.90 -4.83 6.75
C SER A 232 -21.34 -5.71 5.59
N GLN A 233 -22.23 -6.68 5.85
CA GLN A 233 -22.70 -7.55 4.79
C GLN A 233 -23.43 -6.79 3.70
N PHE A 234 -24.29 -5.84 4.05
CA PHE A 234 -25.00 -5.04 3.07
C PHE A 234 -24.06 -4.14 2.30
N ASN A 235 -23.10 -3.53 2.99
CA ASN A 235 -22.09 -2.65 2.41
C ASN A 235 -21.24 -3.33 1.35
N LEU A 236 -20.84 -4.59 1.55
CA LEU A 236 -20.06 -5.32 0.56
C LEU A 236 -20.85 -5.66 -0.70
N SER A 237 -22.11 -6.06 -0.55
CA SER A 237 -22.98 -6.36 -1.68
C SER A 237 -23.13 -5.19 -2.64
N ILE A 238 -23.32 -3.97 -2.12
CA ILE A 238 -23.38 -2.79 -2.97
C ILE A 238 -22.13 -2.64 -3.83
N GLN A 239 -20.95 -2.81 -3.25
CA GLN A 239 -19.70 -2.72 -3.97
C GLN A 239 -19.61 -3.74 -5.09
N ASP A 240 -19.97 -5.00 -4.82
CA ASP A 240 -19.96 -6.08 -5.81
C ASP A 240 -20.96 -5.86 -6.95
N PHE A 241 -22.15 -5.33 -6.64
CA PHE A 241 -23.13 -5.04 -7.67
C PHE A 241 -22.64 -3.99 -8.66
N ALA A 242 -21.91 -2.99 -8.19
CA ALA A 242 -21.36 -1.99 -9.10
C ALA A 242 -20.43 -2.63 -10.12
N LEU A 243 -19.62 -3.60 -9.70
CA LEU A 243 -18.74 -4.28 -10.64
C LEU A 243 -19.54 -5.15 -11.60
N GLN A 244 -20.62 -5.78 -11.11
CA GLN A 244 -21.48 -6.54 -12.00
C GLN A 244 -22.11 -5.64 -13.07
N ILE A 245 -22.47 -4.42 -12.68
CA ILE A 245 -23.06 -3.47 -13.64
C ILE A 245 -22.01 -3.06 -14.66
N ILE A 246 -20.77 -2.83 -14.23
CA ILE A 246 -19.72 -2.51 -15.19
C ILE A 246 -19.57 -3.64 -16.19
N HIS A 247 -19.56 -4.87 -15.69
CA HIS A 247 -19.47 -6.07 -16.53
C HIS A 247 -20.58 -6.15 -17.58
N SER A 248 -21.83 -5.95 -17.19
CA SER A 248 -22.93 -6.05 -18.15
C SER A 248 -22.85 -5.01 -19.28
N LYS A 249 -22.43 -3.77 -18.97
CA LYS A 249 -22.30 -2.74 -19.99
C LYS A 249 -21.23 -3.07 -21.04
N TYR A 250 -20.12 -3.67 -20.63
CA TYR A 250 -19.06 -4.01 -21.59
C TYR A 250 -19.52 -5.06 -22.59
N LYS A 251 -20.19 -6.12 -22.11
CA LYS A 251 -20.65 -7.16 -23.02
C LYS A 251 -21.72 -6.70 -24.00
N SER A 252 -22.55 -5.72 -23.62
CA SER A 252 -23.59 -5.21 -24.51
C SER A 252 -23.08 -4.09 -25.42
N ASN A 253 -21.77 -3.85 -25.43
CA ASN A 253 -21.11 -2.83 -26.25
C ASN A 253 -21.61 -1.41 -25.96
N GLN A 254 -21.92 -1.12 -24.71
CA GLN A 254 -22.33 0.21 -24.29
C GLN A 254 -21.12 1.03 -23.88
N ILE A 255 -19.99 0.36 -23.65
CA ILE A 255 -18.70 0.99 -23.37
C ILE A 255 -17.63 0.25 -24.17
N SER A 256 -16.65 0.99 -24.67
CA SER A 256 -15.59 0.37 -25.47
C SER A 256 -14.49 -0.20 -24.58
N GLN A 257 -13.56 -0.93 -25.19
CA GLN A 257 -12.41 -1.49 -24.51
C GLN A 257 -11.49 -0.43 -23.91
N ASN A 258 -11.29 0.67 -24.63
CA ASN A 258 -10.45 1.75 -24.12
C ASN A 258 -11.01 2.39 -22.85
N ASP A 259 -12.32 2.63 -22.80
CA ASP A 259 -12.90 3.20 -21.58
C ASP A 259 -12.79 2.24 -20.41
N LEU A 260 -12.99 0.94 -20.64
CA LEU A 260 -12.83 -0.06 -19.58
C LEU A 260 -11.41 -0.05 -19.01
N LEU A 261 -10.40 -0.06 -19.86
CA LEU A 261 -9.01 -0.05 -19.40
C LEU A 261 -8.66 1.21 -18.62
N LYS A 262 -9.22 2.37 -19.01
CA LYS A 262 -9.00 3.60 -18.27
C LYS A 262 -9.41 3.47 -16.81
N LEU A 263 -10.50 2.78 -16.54
CA LEU A 263 -11.00 2.52 -15.19
C LEU A 263 -10.17 1.48 -14.42
N ILE A 264 -10.07 0.26 -14.93
CA ILE A 264 -9.56 -0.89 -14.18
C ILE A 264 -8.04 -0.93 -14.04
N THR A 265 -7.31 -0.06 -14.74
CA THR A 265 -5.86 -0.03 -14.62
C THR A 265 -5.38 0.87 -13.49
N GLU A 266 -6.29 1.55 -12.79
CA GLU A 266 -5.96 2.38 -11.66
C GLU A 266 -5.63 1.49 -10.46
N ASP A 267 -4.53 1.81 -9.77
CA ASP A 267 -4.10 1.03 -8.62
C ASP A 267 -5.21 0.86 -7.59
N GLU A 268 -5.98 1.91 -7.32
CA GLU A 268 -7.08 1.78 -6.36
C GLU A 268 -8.16 0.81 -6.85
N MET A 269 -8.45 0.82 -8.15
CA MET A 269 -9.40 -0.15 -8.69
C MET A 269 -8.89 -1.58 -8.55
N LEU A 270 -7.59 -1.81 -8.73
CA LEU A 270 -7.05 -3.15 -8.55
C LEU A 270 -7.17 -3.62 -7.10
N LYS A 271 -6.90 -2.73 -6.15
CA LYS A 271 -7.04 -3.09 -4.75
C LYS A 271 -8.50 -3.36 -4.37
N ILE A 272 -9.43 -2.61 -4.97
CA ILE A 272 -10.86 -2.86 -4.76
C ILE A 272 -11.26 -4.20 -5.35
N LEU A 273 -10.79 -4.53 -6.55
CA LEU A 273 -11.10 -5.82 -7.15
C LEU A 273 -10.62 -6.97 -6.28
N ALA A 274 -9.38 -6.91 -5.82
CA ALA A 274 -8.82 -7.96 -4.97
C ALA A 274 -9.58 -8.12 -3.66
N LYS A 275 -9.79 -7.03 -2.93
CA LYS A 275 -10.48 -7.13 -1.64
C LYS A 275 -11.92 -7.56 -1.81
N THR A 276 -12.63 -7.03 -2.81
CA THR A 276 -14.03 -7.40 -2.95
C THR A 276 -14.18 -8.86 -3.38
N LYS A 277 -13.30 -9.35 -4.26
CA LYS A 277 -13.35 -10.75 -4.65
C LYS A 277 -13.13 -11.65 -3.43
N VAL A 278 -12.05 -11.43 -2.70
CA VAL A 278 -11.74 -12.26 -1.54
C VAL A 278 -12.88 -12.23 -0.53
N LEU A 279 -13.32 -11.04 -0.12
CA LEU A 279 -14.37 -10.93 0.89
C LEU A 279 -15.70 -11.51 0.43
N THR A 280 -16.08 -11.29 -0.83
CA THR A 280 -17.34 -11.86 -1.30
C THR A 280 -17.28 -13.37 -1.36
N TYR A 281 -16.17 -13.95 -1.83
CA TYR A 281 -16.04 -15.39 -1.84
C TYR A 281 -16.12 -15.96 -0.43
N LYS A 282 -15.43 -15.33 0.53
CA LYS A 282 -15.49 -15.77 1.92
C LYS A 282 -16.88 -15.70 2.51
N MET A 283 -17.66 -14.66 2.18
CA MET A 283 -18.99 -14.51 2.75
C MET A 283 -19.95 -15.61 2.33
N LYS A 284 -19.76 -16.21 1.16
CA LYS A 284 -20.77 -17.06 0.53
C LYS A 284 -20.55 -18.55 0.75
N TYR A 285 -19.31 -19.03 0.62
CA TYR A 285 -19.05 -20.47 0.63
C TYR A 285 -18.18 -20.97 1.78
N PHE A 286 -17.63 -20.09 2.61
CA PHE A 286 -16.74 -20.56 3.67
C PHE A 286 -17.43 -21.50 4.64
N ASP A 287 -18.64 -21.15 5.10
CA ASP A 287 -19.34 -22.03 6.03
C ASP A 287 -19.74 -23.34 5.37
N SER A 288 -20.21 -23.29 4.13
CA SER A 288 -20.54 -24.50 3.39
C SER A 288 -19.33 -25.41 3.23
N ALA A 289 -18.22 -24.86 2.72
CA ALA A 289 -16.99 -25.63 2.56
C ALA A 289 -16.50 -26.23 3.88
N SER A 290 -16.61 -25.48 4.98
CA SER A 290 -16.18 -25.98 6.28
C SER A 290 -17.00 -27.17 6.75
N LYS A 291 -18.32 -27.14 6.55
CA LYS A 291 -19.16 -28.27 6.96
C LYS A 291 -18.87 -29.54 6.17
N MET A 292 -18.36 -29.43 4.95
CA MET A 292 -18.00 -30.62 4.18
C MET A 292 -16.53 -31.01 4.31
N GLY A 293 -15.65 -30.07 4.61
CA GLY A 293 -14.25 -30.38 4.87
C GLY A 293 -13.28 -30.10 3.73
N ILE A 294 -13.59 -29.14 2.87
CA ILE A 294 -12.73 -28.82 1.73
C ILE A 294 -12.13 -27.42 1.86
N ASN A 295 -12.35 -26.77 3.00
CA ASN A 295 -11.88 -25.39 3.19
C ASN A 295 -10.37 -25.26 3.04
N LYS A 296 -9.61 -26.27 3.43
CA LYS A 296 -8.15 -26.19 3.31
C LYS A 296 -7.67 -26.18 1.87
N TYR A 297 -8.46 -26.69 0.93
CA TYR A 297 -8.07 -26.78 -0.47
C TYR A 297 -8.57 -25.61 -1.33
N ILE A 298 -9.21 -24.62 -0.72
CA ILE A 298 -9.62 -23.43 -1.45
C ILE A 298 -8.37 -22.74 -2.00
N SER A 299 -8.35 -22.53 -3.32
CA SER A 299 -7.21 -21.95 -4.02
C SER A 299 -7.61 -20.64 -4.67
N THR A 300 -6.87 -19.58 -4.32
CA THR A 300 -7.11 -18.25 -4.89
C THR A 300 -7.07 -18.25 -6.41
N GLU A 301 -6.20 -19.06 -7.01
CA GLU A 301 -6.08 -19.16 -8.46
C GLU A 301 -7.27 -19.84 -9.12
N MET A 302 -8.30 -20.24 -8.36
CA MET A 302 -9.40 -21.00 -8.93
C MET A 302 -10.74 -20.48 -8.42
N MET A 303 -10.78 -19.25 -7.94
CA MET A 303 -12.02 -18.64 -7.47
C MET A 303 -12.80 -17.97 -8.59
N ASP A 304 -12.21 -17.83 -9.77
CA ASP A 304 -12.86 -17.18 -10.91
C ASP A 304 -13.50 -18.18 -11.87
N LEU A 305 -13.43 -19.47 -11.55
CA LEU A 305 -14.10 -20.51 -12.33
C LEU A 305 -15.55 -20.70 -11.91
N ASP A 306 -15.92 -20.24 -10.72
CA ASP A 306 -17.29 -20.36 -10.23
C ASP A 306 -18.20 -19.43 -11.03
N TRP A 307 -19.42 -19.89 -11.30
CA TRP A 307 -20.40 -19.18 -12.09
C TRP A 307 -20.73 -17.78 -11.59
N GLN A 308 -20.60 -17.52 -10.29
CA GLN A 308 -20.90 -16.21 -9.73
C GLN A 308 -19.74 -15.23 -9.81
N PHE A 309 -18.56 -15.67 -10.26
CA PHE A 309 -17.37 -14.83 -10.28
C PHE A 309 -16.86 -14.64 -11.70
N SER A 310 -17.73 -14.86 -12.69
CA SER A 310 -17.40 -14.73 -14.10
C SER A 310 -16.90 -13.34 -14.49
N HIS A 311 -17.52 -12.28 -13.95
CA HIS A 311 -17.11 -10.91 -14.23
C HIS A 311 -15.63 -10.66 -13.94
N TYR A 312 -15.08 -11.26 -12.88
CA TYR A 312 -13.65 -11.10 -12.59
C TYR A 312 -12.76 -11.67 -13.68
N LYS A 313 -13.12 -12.79 -14.28
CA LYS A 313 -12.33 -13.39 -15.35
C LYS A 313 -12.20 -12.51 -16.59
N THR A 314 -13.28 -11.84 -17.03
CA THR A 314 -13.15 -10.97 -18.19
C THR A 314 -12.15 -9.84 -17.93
N PHE A 315 -12.21 -9.24 -16.73
CA PHE A 315 -11.29 -8.18 -16.35
C PHE A 315 -9.86 -8.67 -16.35
N ASN A 316 -9.58 -9.82 -15.75
CA ASN A 316 -8.23 -10.37 -15.73
C ASN A 316 -7.73 -10.67 -17.13
N ASP A 317 -8.58 -11.22 -18.00
CA ASP A 317 -8.19 -11.51 -19.37
C ASP A 317 -7.87 -10.23 -20.15
N ALA A 318 -8.62 -9.15 -19.93
CA ALA A 318 -8.34 -7.90 -20.63
C ALA A 318 -6.99 -7.32 -20.18
N LEU A 319 -6.73 -7.36 -18.88
CA LEU A 319 -5.46 -6.90 -18.32
C LEU A 319 -4.27 -7.69 -18.84
N LYS A 320 -4.39 -9.02 -18.92
CA LYS A 320 -3.28 -9.84 -19.42
C LYS A 320 -2.95 -9.48 -20.87
N LYS A 321 -3.95 -9.38 -21.73
CA LYS A 321 -3.73 -9.01 -23.13
C LYS A 321 -3.12 -7.63 -23.26
N ASN A 322 -3.54 -6.67 -22.43
CA ASN A 322 -3.02 -5.31 -22.49
C ASN A 322 -1.60 -5.18 -21.94
N LYS A 323 -1.34 -5.73 -20.75
CA LYS A 323 -0.04 -5.64 -20.10
C LYS A 323 0.09 -6.73 -19.04
N ALA A 324 0.81 -7.80 -19.40
CA ALA A 324 1.01 -8.99 -18.57
C ALA A 324 1.44 -8.68 -17.15
N SER A 325 2.23 -7.62 -16.92
CA SER A 325 2.66 -7.26 -15.57
C SER A 325 1.52 -6.88 -14.64
N ASP A 326 0.40 -6.40 -15.19
CA ASP A 326 -0.76 -6.06 -14.37
C ASP A 326 -1.46 -7.27 -13.80
N SER A 327 -1.56 -8.35 -14.58
CA SER A 327 -2.17 -9.57 -14.05
C SER A 327 -1.33 -10.16 -12.93
N SER A 328 -0.01 -10.10 -13.05
CA SER A 328 0.86 -10.64 -12.02
C SER A 328 0.78 -9.80 -10.74
N TYR A 329 0.73 -8.47 -10.87
CA TYR A 329 0.59 -7.62 -9.70
C TYR A 329 -0.75 -7.84 -9.02
N LEU A 330 -1.83 -7.96 -9.80
CA LEU A 330 -3.14 -8.25 -9.24
C LEU A 330 -3.15 -9.58 -8.49
N GLY A 331 -2.55 -10.62 -9.09
CA GLY A 331 -2.49 -11.91 -8.41
C GLY A 331 -1.75 -11.85 -7.09
N TRP A 332 -0.63 -11.12 -7.06
CA TRP A 332 0.14 -10.97 -5.84
C TRP A 332 -0.68 -10.26 -4.76
N LEU A 333 -1.41 -9.22 -5.15
CA LEU A 333 -2.26 -8.53 -4.18
C LEU A 333 -3.35 -9.46 -3.67
N THR A 334 -4.00 -10.18 -4.58
CA THR A 334 -5.12 -11.04 -4.21
C THR A 334 -4.68 -12.07 -3.19
N HIS A 335 -3.56 -12.75 -3.45
CA HIS A 335 -3.10 -13.75 -2.50
C HIS A 335 -2.69 -13.12 -1.17
N GLY A 336 -2.07 -11.93 -1.20
CA GLY A 336 -1.79 -11.23 0.04
C GLY A 336 -3.04 -10.98 0.88
N TYR A 337 -4.15 -10.62 0.22
CA TYR A 337 -5.40 -10.46 0.93
C TYR A 337 -6.00 -11.78 1.39
N SER A 338 -5.78 -12.87 0.65
CA SER A 338 -6.24 -14.18 1.09
C SER A 338 -5.56 -14.54 2.41
N ILE A 339 -4.27 -14.24 2.51
CA ILE A 339 -3.50 -14.48 3.73
C ILE A 339 -4.01 -13.61 4.87
N LYS A 340 -4.11 -12.30 4.63
CA LYS A 340 -4.57 -11.32 5.63
C LYS A 340 -5.92 -11.65 6.26
N TYR A 341 -6.89 -12.16 5.49
CA TYR A 341 -8.24 -12.37 5.99
C TYR A 341 -8.55 -13.80 6.40
N GLY A 342 -7.55 -14.54 6.87
CA GLY A 342 -7.74 -15.86 7.43
C GLY A 342 -8.13 -16.99 6.51
N LEU A 343 -7.81 -16.92 5.22
CA LEU A 343 -8.10 -18.05 4.34
C LEU A 343 -6.96 -19.04 4.31
N SER A 344 -5.73 -18.58 4.57
CA SER A 344 -4.53 -19.40 4.62
C SER A 344 -3.82 -19.12 5.94
N PRO A 345 -4.20 -19.78 7.02
CA PRO A 345 -3.61 -19.50 8.34
C PRO A 345 -2.26 -20.17 8.57
N ASN A 346 -1.35 -19.41 9.19
CA ASN A 346 -0.02 -19.91 9.54
C ASN A 346 0.51 -19.14 10.73
N ASN A 347 1.20 -19.86 11.61
CA ASN A 347 1.78 -19.24 12.80
C ASN A 347 2.87 -18.22 12.45
N GLU A 348 3.70 -18.51 11.46
CA GLU A 348 4.76 -17.60 11.06
C GLU A 348 4.29 -16.69 9.92
N ARG A 349 4.82 -15.47 9.92
CA ARG A 349 4.53 -14.49 8.88
C ARG A 349 5.12 -14.92 7.54
N SER A 350 4.45 -14.50 6.47
CA SER A 350 4.88 -14.80 5.11
C SER A 350 6.25 -14.19 4.82
N MET A 351 6.86 -14.66 3.74
CA MET A 351 8.16 -14.16 3.29
C MET A 351 8.17 -13.65 1.86
N PHE A 352 7.03 -13.60 1.18
CA PHE A 352 6.96 -13.15 -0.19
C PHE A 352 5.86 -12.11 -0.44
N PHE A 353 4.81 -12.08 0.37
CA PHE A 353 3.66 -11.24 0.12
C PHE A 353 3.54 -10.15 1.18
N GLN A 354 2.59 -9.24 0.94
CA GLN A 354 2.26 -8.14 1.83
C GLN A 354 3.42 -7.18 2.08
N ASP A 355 4.35 -7.08 1.12
CA ASP A 355 5.50 -6.19 1.27
C ASP A 355 5.95 -5.72 -0.10
N GLY A 356 5.83 -4.41 -0.35
CA GLY A 356 6.22 -3.82 -1.63
C GLY A 356 7.64 -4.15 -2.08
N ARG A 357 8.56 -4.29 -1.13
CA ARG A 357 9.94 -4.64 -1.46
C ARG A 357 10.05 -6.05 -2.01
N LYS A 358 9.21 -6.96 -1.54
CA LYS A 358 9.26 -8.33 -2.02
C LYS A 358 8.72 -8.42 -3.45
N TYR A 359 7.66 -7.66 -3.74
CA TYR A 359 7.19 -7.59 -5.12
C TYR A 359 8.26 -6.99 -6.01
N ALA A 360 8.99 -5.98 -5.52
CA ALA A 360 10.06 -5.38 -6.30
C ALA A 360 11.15 -6.40 -6.61
N GLU A 361 11.47 -7.26 -5.64
CA GLU A 361 12.47 -8.29 -5.87
C GLU A 361 12.00 -9.32 -6.89
N LEU A 362 10.74 -9.75 -6.77
CA LEU A 362 10.19 -10.70 -7.73
C LEU A 362 10.14 -10.13 -9.14
N TYR A 363 9.78 -8.85 -9.27
CA TYR A 363 9.74 -8.18 -10.57
C TYR A 363 11.14 -8.09 -11.15
N ALA A 364 12.11 -7.66 -10.34
CA ALA A 364 13.49 -7.57 -10.80
C ALA A 364 13.97 -8.92 -11.30
N PHE A 365 13.59 -10.00 -10.61
CA PHE A 365 13.99 -11.33 -11.01
C PHE A 365 13.36 -11.76 -12.33
N SER A 366 12.08 -11.43 -12.55
CA SER A 366 11.48 -11.88 -13.80
C SER A 366 12.12 -11.19 -15.00
N LYS A 367 12.55 -9.95 -14.85
CA LYS A 367 13.21 -9.21 -15.93
C LYS A 367 14.73 -9.45 -15.87
N SER A 368 15.12 -10.66 -16.28
CA SER A 368 16.54 -11.01 -16.27
C SER A 368 16.92 -11.92 -17.43
N PRO A 369 17.48 -11.37 -18.50
CA PRO A 369 18.05 -12.24 -19.55
C PRO A 369 19.21 -13.08 -19.04
N HIS A 370 19.97 -12.56 -18.07
CA HIS A 370 21.09 -13.29 -17.49
C HIS A 370 20.54 -14.40 -16.58
N ARG A 371 20.82 -15.65 -16.93
CA ARG A 371 20.23 -16.79 -16.23
C ARG A 371 21.12 -17.23 -15.08
N LYS A 372 21.54 -16.26 -14.26
CA LYS A 372 22.24 -16.52 -13.00
C LYS A 372 23.50 -17.36 -13.20
N ILE A 373 24.45 -16.78 -13.94
CA ILE A 373 25.79 -17.35 -14.02
C ILE A 373 26.61 -16.73 -12.90
N ILE A 374 26.64 -17.39 -11.74
CA ILE A 374 27.22 -16.85 -10.51
C ILE A 374 26.55 -15.50 -10.22
N PRO A 375 25.30 -15.50 -9.75
CA PRO A 375 24.59 -14.22 -9.54
C PRO A 375 25.16 -13.39 -8.41
N GLY A 376 24.56 -12.24 -8.16
CA GLY A 376 25.04 -11.34 -7.13
C GLY A 376 24.43 -11.66 -5.78
N GLU A 377 25.05 -11.12 -4.72
CA GLU A 377 24.60 -11.35 -3.35
C GLU A 377 23.30 -10.63 -3.03
N HIS A 378 22.86 -9.73 -3.89
CA HIS A 378 21.67 -8.92 -3.61
C HIS A 378 20.38 -9.67 -3.88
N LEU A 379 20.43 -10.85 -4.48
CA LEU A 379 19.23 -11.62 -4.78
C LEU A 379 19.45 -13.10 -4.50
N LYS A 380 20.49 -13.42 -3.72
CA LYS A 380 20.79 -14.80 -3.39
C LYS A 380 20.00 -15.31 -2.18
N ASP A 381 19.36 -14.42 -1.43
CA ASP A 381 18.52 -14.84 -0.31
C ASP A 381 17.16 -15.36 -0.75
N LEU A 382 16.68 -14.94 -1.93
CA LEU A 382 15.41 -15.43 -2.46
C LEU A 382 15.42 -16.92 -2.76
N LEU A 383 16.51 -17.42 -3.36
CA LEU A 383 16.61 -18.85 -3.65
C LEU A 383 16.61 -19.69 -2.38
N ALA A 384 17.24 -19.23 -1.31
CA ALA A 384 17.21 -19.94 -0.04
C ALA A 384 15.80 -20.06 0.48
N LYS A 385 15.01 -18.99 0.37
CA LYS A 385 13.63 -19.01 0.84
C LYS A 385 12.79 -19.94 0.00
N ILE A 386 13.01 -19.95 -1.33
CA ILE A 386 12.27 -20.85 -2.21
C ILE A 386 12.60 -22.30 -1.88
N ASN A 387 13.88 -22.59 -1.67
CA ASN A 387 14.33 -23.94 -1.36
C ASN A 387 13.80 -24.42 -0.01
N LYS A 388 13.69 -23.53 0.98
CA LYS A 388 13.13 -23.92 2.26
C LYS A 388 11.67 -24.35 2.12
N SER A 389 10.90 -23.64 1.28
CA SER A 389 9.52 -24.00 1.08
C SER A 389 9.40 -25.30 0.30
N LYS A 390 10.25 -25.50 -0.72
CA LYS A 390 10.21 -26.77 -1.43
C LYS A 390 10.58 -27.92 -0.50
N GLY A 391 11.58 -27.71 0.35
CA GLY A 391 11.97 -28.73 1.32
C GLY A 391 10.83 -29.09 2.26
N ILE A 392 10.10 -28.08 2.74
CA ILE A 392 8.97 -28.33 3.63
C ILE A 392 7.86 -29.07 2.90
N PHE A 393 7.48 -28.63 1.70
CA PHE A 393 6.45 -29.28 0.91
C PHE A 393 6.75 -30.76 0.68
N LEU A 394 7.98 -31.08 0.28
CA LEU A 394 8.39 -32.46 0.00
C LEU A 394 8.60 -33.29 1.27
N ASP A 395 8.76 -32.65 2.42
CA ASP A 395 8.99 -33.39 3.66
C ASP A 395 7.72 -34.08 4.13
N GLN A 396 7.70 -35.41 3.97
CA GLN A 396 6.59 -36.28 4.35
C GLN A 396 6.34 -36.33 5.86
N ASN A 397 7.29 -35.88 6.68
CA ASN A 397 7.10 -35.86 8.12
C ASN A 397 6.55 -34.53 8.63
N ALA A 398 6.44 -33.53 7.77
CA ALA A 398 5.93 -32.23 8.17
C ALA A 398 4.40 -32.30 8.36
N LEU A 399 3.87 -31.43 9.20
CA LEU A 399 2.45 -31.32 9.48
C LEU A 399 1.66 -30.93 8.24
N LEU A 400 0.47 -31.52 8.11
CA LEU A 400 -0.45 -31.28 7.01
C LEU A 400 -0.70 -29.80 6.74
N ASP A 401 -0.92 -29.03 7.80
CA ASP A 401 -1.18 -27.59 7.71
C ASP A 401 -0.05 -26.81 7.05
N LYS A 402 1.20 -27.15 7.35
CA LYS A 402 2.39 -26.51 6.78
C LYS A 402 2.59 -26.84 5.30
N ARG A 403 2.44 -28.12 4.95
CA ARG A 403 2.62 -28.54 3.56
C ARG A 403 1.62 -27.88 2.62
N ILE A 404 0.36 -27.75 3.04
CA ILE A 404 -0.64 -27.14 2.16
C ILE A 404 -0.37 -25.65 2.02
N TYR A 405 0.10 -25.00 3.08
CA TYR A 405 0.45 -23.57 3.01
C TYR A 405 1.59 -23.37 2.03
N ALA A 406 2.63 -24.19 2.13
CA ALA A 406 3.74 -24.12 1.20
C ALA A 406 3.29 -24.38 -0.23
N PHE A 407 2.37 -25.33 -0.42
CA PHE A 407 1.83 -25.58 -1.76
C PHE A 407 1.17 -24.33 -2.31
N HIS A 408 0.28 -23.70 -1.54
CA HIS A 408 -0.41 -22.52 -2.03
C HIS A 408 0.56 -21.40 -2.36
N GLU A 409 1.58 -21.21 -1.52
CA GLU A 409 2.59 -20.19 -1.81
C GLU A 409 3.35 -20.47 -3.10
N LEU A 410 3.84 -21.70 -3.27
CA LEU A 410 4.59 -22.06 -4.47
C LEU A 410 3.75 -22.03 -5.74
N ASN A 411 2.48 -22.42 -5.67
CA ASN A 411 1.61 -22.42 -6.84
C ASN A 411 1.39 -21.02 -7.42
N THR A 412 1.16 -20.02 -6.57
CA THR A 412 1.00 -18.66 -7.07
C THR A 412 2.27 -18.12 -7.71
N LEU A 413 3.43 -18.34 -7.07
CA LEU A 413 4.70 -17.87 -7.61
C LEU A 413 4.97 -18.42 -9.01
N GLU A 414 4.79 -19.73 -9.19
CA GLU A 414 5.04 -20.34 -10.49
C GLU A 414 4.04 -19.92 -11.56
N THR A 415 2.78 -19.71 -11.19
CA THR A 415 1.77 -19.29 -12.17
C THR A 415 2.08 -17.90 -12.74
N HIS A 416 2.47 -16.96 -11.89
CA HIS A 416 2.65 -15.57 -12.31
C HIS A 416 4.11 -15.19 -12.58
N PHE A 417 5.09 -15.97 -12.11
CA PHE A 417 6.51 -15.72 -12.37
C PHE A 417 7.15 -17.01 -12.87
N PRO A 418 6.79 -17.44 -14.08
CA PRO A 418 7.29 -18.71 -14.63
C PRO A 418 8.81 -18.88 -14.56
N GLY A 419 9.25 -20.01 -14.02
CA GLY A 419 10.65 -20.34 -13.89
C GLY A 419 11.29 -20.03 -12.55
N ILE A 420 10.60 -19.27 -11.70
CA ILE A 420 11.17 -18.91 -10.41
C ILE A 420 11.38 -20.13 -9.50
N THR A 421 10.52 -21.13 -9.59
CA THR A 421 10.63 -22.31 -8.71
C THR A 421 11.37 -23.46 -9.39
N SER A 422 11.90 -23.23 -10.58
CA SER A 422 12.59 -24.31 -11.30
C SER A 422 14.08 -24.27 -10.98
N SER A 423 14.65 -25.44 -10.68
CA SER A 423 16.09 -25.53 -10.52
C SER A 423 16.63 -26.88 -10.95
N PHE A 424 17.12 -26.98 -12.18
CA PHE A 424 17.51 -28.23 -12.81
C PHE A 424 18.51 -28.99 -11.92
N THR A 425 18.72 -30.28 -12.23
CA THR A 425 19.56 -31.25 -11.53
C THR A 425 19.01 -31.79 -10.21
N ASP A 426 18.45 -30.94 -9.34
CA ASP A 426 17.91 -31.44 -8.08
C ASP A 426 16.39 -31.51 -8.11
N ASP A 427 15.80 -31.64 -9.29
CA ASP A 427 14.36 -31.66 -9.53
C ASP A 427 13.97 -32.92 -10.30
N LEU A 428 14.82 -33.38 -11.20
CA LEU A 428 14.53 -34.59 -11.96
C LEU A 428 14.47 -35.83 -11.08
N LYS A 429 15.36 -36.01 -10.11
CA LYS A 429 15.26 -37.18 -9.26
C LYS A 429 14.10 -37.01 -8.29
N SER A 430 13.97 -35.81 -7.71
CA SER A 430 12.93 -35.49 -6.74
C SER A 430 11.68 -35.06 -7.51
N ASN A 431 10.83 -36.03 -7.85
CA ASN A 431 9.67 -35.69 -8.68
C ASN A 431 8.87 -34.57 -8.03
N TYR A 432 8.87 -33.41 -8.68
CA TYR A 432 8.22 -32.19 -8.16
C TYR A 432 7.07 -31.69 -9.03
N ARG A 433 7.31 -31.56 -10.34
CA ARG A 433 6.33 -31.07 -11.29
C ARG A 433 5.05 -31.91 -11.26
N LYS A 434 5.17 -33.23 -11.37
CA LYS A 434 4.02 -34.12 -11.32
C LYS A 434 3.26 -34.00 -10.00
N LYS A 435 3.95 -33.80 -8.88
CA LYS A 435 3.26 -33.64 -7.61
C LYS A 435 2.45 -32.35 -7.56
N MET A 436 3.00 -31.24 -8.06
CA MET A 436 2.20 -30.02 -8.13
C MET A 436 0.98 -30.17 -9.03
N GLU A 437 1.12 -30.80 -10.19
CA GLU A 437 -0.03 -31.06 -11.06
C GLU A 437 -1.10 -31.88 -10.34
N SER A 438 -0.68 -32.88 -9.56
CA SER A 438 -1.63 -33.75 -8.88
C SER A 438 -2.45 -32.97 -7.85
N VAL A 439 -1.77 -32.16 -7.02
CA VAL A 439 -2.51 -31.38 -6.03
C VAL A 439 -3.42 -30.36 -6.69
N SER A 440 -3.02 -29.78 -7.81
CA SER A 440 -3.84 -28.78 -8.49
C SER A 440 -5.11 -29.40 -9.05
N LEU A 441 -4.99 -30.61 -9.63
CA LEU A 441 -6.16 -31.34 -10.09
C LEU A 441 -7.09 -31.70 -8.93
N THR A 442 -6.53 -32.13 -7.80
CA THR A 442 -7.32 -32.45 -6.63
C THR A 442 -8.14 -31.25 -6.17
N CYS A 443 -7.52 -30.08 -6.09
CA CYS A 443 -8.23 -28.87 -5.70
C CYS A 443 -9.39 -28.57 -6.64
N GLN A 444 -9.19 -28.66 -7.95
CA GLN A 444 -10.25 -28.39 -8.92
C GLN A 444 -11.44 -29.34 -8.75
N VAL A 445 -11.13 -30.63 -8.62
CA VAL A 445 -12.15 -31.67 -8.45
C VAL A 445 -12.98 -31.42 -7.19
N LEU A 446 -12.34 -31.10 -6.07
CA LEU A 446 -13.11 -30.86 -4.85
C LEU A 446 -14.07 -29.68 -5.00
N GLN A 447 -13.66 -28.64 -5.73
CA GLN A 447 -14.54 -27.51 -5.96
C GLN A 447 -15.74 -27.89 -6.80
N GLU A 448 -15.53 -28.66 -7.87
CA GLU A 448 -16.68 -29.10 -8.67
C GLU A 448 -17.62 -30.00 -7.87
N ILE A 449 -17.06 -30.82 -6.99
CA ILE A 449 -17.90 -31.67 -6.16
C ILE A 449 -18.71 -30.83 -5.18
N GLY A 450 -18.11 -29.81 -4.59
CA GLY A 450 -18.85 -28.95 -3.69
C GLY A 450 -20.04 -28.27 -4.37
N ASN A 451 -19.84 -27.82 -5.62
CA ASN A 451 -20.94 -27.22 -6.36
C ASN A 451 -22.05 -28.24 -6.65
N ILE A 452 -21.68 -29.48 -6.94
CA ILE A 452 -22.70 -30.50 -7.21
C ILE A 452 -23.45 -30.80 -5.92
N HIS A 453 -22.73 -30.89 -4.80
CA HIS A 453 -23.37 -31.16 -3.52
C HIS A 453 -24.37 -30.06 -3.16
N ARG A 454 -23.97 -28.80 -3.29
CA ARG A 454 -24.90 -27.71 -3.03
C ARG A 454 -26.10 -27.74 -3.97
N PHE A 455 -25.92 -28.18 -5.21
CA PHE A 455 -27.05 -28.27 -6.13
C PHE A 455 -28.07 -29.32 -5.71
N ILE A 456 -27.62 -30.54 -5.43
CA ILE A 456 -28.52 -31.61 -5.00
C ILE A 456 -29.23 -31.25 -3.70
N GLU A 457 -28.53 -30.62 -2.77
CA GLU A 457 -29.10 -30.19 -1.50
C GLU A 457 -30.13 -29.06 -1.63
N SER A 458 -30.32 -28.50 -2.82
CA SER A 458 -31.30 -27.44 -3.01
C SER A 458 -32.67 -27.97 -3.42
N LYS A 459 -32.78 -29.20 -3.91
CA LYS A 459 -34.05 -29.77 -4.35
C LYS A 459 -34.63 -30.63 -3.23
N VAL A 460 -35.13 -29.97 -2.20
CA VAL A 460 -35.72 -30.63 -1.03
C VAL A 460 -37.09 -30.01 -0.80
N PRO A 461 -38.13 -30.80 -0.52
CA PRO A 461 -39.46 -30.23 -0.32
C PRO A 461 -39.50 -29.20 0.80
N TYR A 462 -40.27 -28.13 0.58
CA TYR A 462 -40.43 -27.05 1.54
C TYR A 462 -39.09 -26.43 1.90
N HIS A 463 -38.49 -25.73 0.93
CA HIS A 463 -37.15 -25.19 1.10
C HIS A 463 -37.19 -23.74 1.57
N SER A 464 -37.65 -22.84 0.70
CA SER A 464 -37.85 -21.43 1.05
C SER A 464 -36.59 -20.77 1.61
N SER A 465 -35.46 -20.98 0.95
CA SER A 465 -34.16 -20.46 1.38
C SER A 465 -33.13 -20.80 0.32
N THR A 466 -32.07 -20.01 0.22
CA THR A 466 -31.05 -20.26 -0.79
C THR A 466 -29.81 -20.86 -0.14
N GLU A 467 -29.19 -21.80 -0.84
CA GLU A 467 -27.95 -22.45 -0.42
C GLU A 467 -26.71 -21.82 -1.05
N TYR A 468 -26.88 -20.79 -1.88
CA TYR A 468 -25.76 -20.18 -2.59
C TYR A 468 -25.35 -18.84 -1.99
N GLY A 469 -25.80 -18.54 -0.78
CA GLY A 469 -25.43 -17.31 -0.10
C GLY A 469 -26.49 -16.23 -0.21
N LEU A 470 -26.23 -15.16 0.55
CA LEU A 470 -27.09 -13.98 0.62
C LEU A 470 -27.28 -13.34 -0.75
N PHE A 471 -28.54 -13.08 -1.11
CA PHE A 471 -28.93 -12.47 -2.38
C PHE A 471 -28.27 -13.16 -3.57
N SER A 472 -28.43 -14.47 -3.62
CA SER A 472 -27.85 -15.24 -4.73
C SER A 472 -28.90 -15.61 -5.78
N ILE A 473 -30.02 -16.19 -5.38
CA ILE A 473 -31.06 -16.62 -6.30
C ILE A 473 -32.40 -16.06 -5.85
N PRO A 474 -33.02 -15.15 -6.60
CA PRO A 474 -34.32 -14.61 -6.22
C PRO A 474 -35.45 -15.62 -6.35
N LYS A 475 -36.50 -15.43 -5.54
CA LYS A 475 -37.66 -16.33 -5.51
C LYS A 475 -38.23 -16.60 -6.90
N ILE A 476 -38.28 -15.58 -7.76
CA ILE A 476 -38.82 -15.72 -9.10
C ILE A 476 -38.01 -16.72 -9.93
N PHE A 477 -36.68 -16.71 -9.79
CA PHE A 477 -35.83 -17.60 -10.57
C PHE A 477 -35.30 -18.77 -9.76
N SER A 478 -36.00 -19.15 -8.69
CA SER A 478 -35.60 -20.24 -7.83
C SER A 478 -35.56 -21.58 -8.58
N ILE A 479 -34.68 -22.46 -8.12
CA ILE A 479 -34.50 -23.81 -8.64
C ILE A 479 -35.75 -24.64 -8.41
N PRO A 480 -36.28 -25.31 -9.43
CA PRO A 480 -37.50 -26.12 -9.25
C PRO A 480 -37.33 -27.26 -8.25
N ILE A 481 -38.38 -27.46 -7.46
CA ILE A 481 -38.44 -28.46 -6.40
C ILE A 481 -38.38 -29.89 -6.94
N ASP A 482 -39.00 -30.18 -8.08
CA ASP A 482 -38.95 -31.55 -8.57
C ASP A 482 -37.83 -31.77 -9.57
N TYR A 483 -37.50 -33.05 -9.75
CA TYR A 483 -36.49 -33.52 -10.70
C TYR A 483 -37.06 -33.69 -12.10
N LYS A 484 -36.35 -33.14 -13.08
CA LYS A 484 -36.68 -33.28 -14.48
C LYS A 484 -36.28 -34.69 -14.96
N HIS A 485 -37.05 -35.21 -15.91
CA HIS A 485 -36.85 -36.57 -16.41
C HIS A 485 -35.43 -36.78 -16.92
N GLY A 486 -34.76 -37.81 -16.40
CA GLY A 486 -33.39 -38.13 -16.76
C GLY A 486 -32.31 -37.38 -16.02
N GLU A 487 -32.69 -36.46 -15.12
CA GLU A 487 -31.74 -35.68 -14.35
C GLU A 487 -30.89 -36.52 -13.40
N LYS A 488 -31.50 -37.43 -12.65
CA LYS A 488 -30.78 -38.28 -11.72
C LYS A 488 -29.70 -39.11 -12.41
N GLU A 489 -30.02 -39.66 -13.57
CA GLU A 489 -29.04 -40.49 -14.28
C GLU A 489 -27.88 -39.63 -14.77
N ASN A 490 -28.18 -38.42 -15.25
CA ASN A 490 -27.12 -37.55 -15.74
C ASN A 490 -26.21 -37.11 -14.59
N LEU A 491 -26.80 -36.87 -13.41
CA LEU A 491 -25.97 -36.45 -12.28
C LEU A 491 -25.04 -37.58 -11.84
N VAL A 492 -25.56 -38.81 -11.77
CA VAL A 492 -24.69 -39.93 -11.39
C VAL A 492 -23.61 -40.16 -12.43
N SER A 493 -23.95 -40.00 -13.72
CA SER A 493 -22.93 -40.15 -14.76
C SER A 493 -21.87 -39.06 -14.66
N TYR A 494 -22.28 -37.83 -14.35
CA TYR A 494 -21.34 -36.73 -14.18
C TYR A 494 -20.36 -37.04 -13.06
N VAL A 495 -20.89 -37.46 -11.91
CA VAL A 495 -20.06 -37.82 -10.77
C VAL A 495 -19.08 -38.93 -11.13
N ASP A 496 -19.57 -40.02 -11.71
CA ASP A 496 -18.71 -41.13 -12.08
C ASP A 496 -17.61 -40.73 -13.07
N PHE A 497 -17.95 -39.97 -14.10
CA PHE A 497 -16.94 -39.51 -15.05
C PHE A 497 -15.91 -38.59 -14.42
N LEU A 498 -16.33 -37.77 -13.46
CA LEU A 498 -15.44 -36.86 -12.75
C LEU A 498 -14.42 -37.62 -11.91
N TYR A 499 -14.84 -38.62 -11.15
CA TYR A 499 -13.90 -39.40 -10.35
C TYR A 499 -13.03 -40.32 -11.19
N SER A 500 -13.54 -40.84 -12.31
CA SER A 500 -12.76 -41.70 -13.19
C SER A 500 -11.67 -40.95 -13.96
N THR A 501 -11.93 -39.71 -14.37
CA THR A 501 -10.92 -38.91 -15.06
C THR A 501 -9.74 -38.52 -14.16
N ALA A 502 -10.00 -38.18 -12.90
CA ALA A 502 -8.97 -37.83 -11.93
C ALA A 502 -7.95 -38.96 -11.74
N HIS A 503 -8.43 -40.17 -11.42
CA HIS A 503 -7.57 -41.32 -11.17
C HIS A 503 -6.57 -41.63 -12.27
N GLU A 504 -6.89 -41.36 -13.53
CA GLU A 504 -5.93 -41.63 -14.59
C GLU A 504 -4.80 -40.60 -14.71
N ARG A 505 -4.65 -39.68 -13.76
CA ARG A 505 -3.66 -38.62 -13.86
C ARG A 505 -2.83 -38.44 -12.59
N ILE A 506 -3.39 -38.67 -11.42
CA ILE A 506 -2.68 -38.46 -10.16
C ILE A 506 -1.54 -39.46 -10.01
N LEU A 507 -0.52 -39.04 -9.26
CA LEU A 507 0.61 -39.87 -8.90
C LEU A 507 0.29 -40.74 -7.69
N GLN A 508 0.47 -42.05 -7.85
CA GLN A 508 0.24 -43.05 -6.83
C GLN A 508 1.58 -43.54 -6.30
N ASP A 509 1.91 -43.14 -5.07
CA ASP A 509 3.19 -43.44 -4.47
C ASP A 509 3.05 -43.33 -2.94
N ASN A 510 4.14 -43.26 -2.18
CA ASN A 510 4.05 -43.15 -0.73
C ASN A 510 4.41 -41.77 -0.21
N SER A 511 5.23 -41.03 -0.95
CA SER A 511 5.65 -39.69 -0.56
C SER A 511 4.58 -38.61 -0.69
N ILE A 512 3.48 -38.85 -1.41
CA ILE A 512 2.50 -37.78 -1.54
C ILE A 512 1.08 -38.21 -1.19
N ASN A 513 0.80 -39.52 -1.14
CA ASN A 513 -0.56 -40.02 -0.90
C ASN A 513 -1.16 -39.51 0.41
N GLN A 514 -1.12 -38.20 0.62
CA GLN A 514 -1.66 -37.55 1.81
C GLN A 514 -2.37 -36.28 1.43
N LEU A 515 -1.95 -35.62 0.35
CA LEU A 515 -2.49 -34.36 -0.14
C LEU A 515 -3.43 -34.58 -1.33
N CYS A 516 -3.52 -35.81 -1.85
CA CYS A 516 -4.31 -36.07 -3.05
C CYS A 516 -5.26 -37.26 -2.93
N LEU A 517 -4.74 -38.48 -2.92
CA LEU A 517 -5.59 -39.67 -2.89
C LEU A 517 -6.49 -39.74 -1.67
N ASP A 518 -5.95 -39.43 -0.48
CA ASP A 518 -6.74 -39.55 0.75
C ASP A 518 -7.94 -38.61 0.76
N PRO A 519 -7.78 -37.29 0.54
CA PRO A 519 -8.98 -36.43 0.50
C PRO A 519 -9.97 -36.83 -0.57
N LEU A 520 -9.50 -37.26 -1.75
CA LEU A 520 -10.42 -37.68 -2.80
C LEU A 520 -11.23 -38.88 -2.38
N GLN A 521 -10.59 -39.86 -1.72
CA GLN A 521 -11.30 -41.04 -1.26
C GLN A 521 -12.34 -40.66 -0.21
N GLU A 522 -11.94 -39.82 0.76
CA GLU A 522 -12.87 -39.39 1.79
C GLU A 522 -14.07 -38.66 1.19
N SER A 523 -13.83 -37.80 0.21
CA SER A 523 -14.93 -37.09 -0.44
C SER A 523 -15.84 -38.05 -1.18
N LEU A 524 -15.27 -39.02 -1.88
CA LEU A 524 -16.07 -40.04 -2.56
C LEU A 524 -16.94 -40.79 -1.55
N ASN A 525 -16.37 -41.17 -0.41
CA ASN A 525 -17.12 -41.85 0.64
C ASN A 525 -18.29 -40.99 1.11
N ARG A 526 -18.07 -39.68 1.24
CA ARG A 526 -19.13 -38.81 1.73
C ARG A 526 -20.24 -38.64 0.71
N ILE A 527 -19.89 -38.39 -0.55
CA ILE A 527 -20.90 -38.17 -1.59
C ILE A 527 -21.75 -39.41 -1.83
N LYS A 528 -21.15 -40.60 -1.88
CA LYS A 528 -21.91 -41.81 -2.12
C LYS A 528 -22.86 -42.17 -0.98
N SER A 529 -22.57 -41.74 0.24
CA SER A 529 -23.46 -42.00 1.37
C SER A 529 -24.71 -41.11 1.34
N ASN A 530 -24.56 -39.83 0.96
CA ASN A 530 -25.65 -38.87 0.90
C ASN A 530 -26.60 -39.01 -0.29
N ILE A 531 -26.06 -39.26 -1.49
CA ILE A 531 -26.91 -39.34 -2.68
C ILE A 531 -28.08 -40.32 -2.56
N PRO A 532 -27.91 -41.55 -2.07
CA PRO A 532 -29.06 -42.46 -1.98
C PRO A 532 -30.12 -41.98 -0.99
N VAL A 533 -29.79 -41.03 -0.13
CA VAL A 533 -30.77 -40.50 0.83
C VAL A 533 -31.56 -39.35 0.20
N PHE A 534 -30.89 -38.44 -0.49
CA PHE A 534 -31.57 -37.27 -1.05
C PHE A 534 -32.47 -37.63 -2.22
N PHE A 535 -32.18 -38.72 -2.92
CA PHE A 535 -32.98 -39.13 -4.07
C PHE A 535 -34.22 -39.93 -3.68
N ASN A 536 -34.51 -40.05 -2.39
CA ASN A 536 -35.69 -40.76 -1.91
C ASN A 536 -36.51 -39.85 -1.00
N LEU A 537 -36.71 -38.62 -1.47
CA LEU A 537 -37.47 -37.60 -0.73
C LEU A 537 -36.88 -37.35 0.65
N PHE B 108 17.79 46.54 -1.52
CA PHE B 108 18.88 46.51 -0.56
C PHE B 108 20.09 45.82 -1.16
N PRO B 109 21.27 46.44 -1.12
CA PRO B 109 22.47 45.79 -1.66
C PRO B 109 22.79 44.52 -0.91
N LYS B 110 23.28 43.51 -1.64
CA LYS B 110 23.60 42.23 -1.03
C LYS B 110 24.96 42.33 -0.35
N LYS B 111 25.25 41.38 0.53
CA LYS B 111 26.35 41.51 1.46
C LYS B 111 27.58 40.73 0.97
N MET B 112 28.74 41.35 1.14
CA MET B 112 30.02 40.72 0.78
C MET B 112 31.04 41.09 1.85
N ILE B 113 31.19 40.22 2.86
CA ILE B 113 32.11 40.49 3.96
C ILE B 113 33.00 39.28 4.23
N THR B 114 33.09 38.38 3.23
CA THR B 114 33.92 37.18 3.33
C THR B 114 33.58 36.34 4.55
N GLU B 115 34.52 35.48 4.98
CA GLU B 115 34.33 34.61 6.13
C GLU B 115 35.64 34.53 6.92
N SER B 116 35.73 35.35 7.97
CA SER B 116 36.89 35.36 8.86
C SER B 116 36.47 35.91 10.21
N ASN B 117 37.17 35.44 11.25
CA ASN B 117 36.91 35.85 12.63
C ASN B 117 35.46 35.57 13.01
N SER B 118 35.06 34.30 13.02
CA SER B 118 33.70 33.90 13.35
C SER B 118 33.62 33.20 14.70
N LYS B 119 34.63 33.38 15.55
CA LYS B 119 34.65 32.71 16.84
C LYS B 119 33.49 33.12 17.73
N ASP B 120 33.16 34.42 17.74
CA ASP B 120 32.09 34.92 18.58
C ASP B 120 30.72 34.38 18.18
N ILE B 121 30.44 34.31 16.88
CA ILE B 121 29.16 33.76 16.43
C ILE B 121 29.07 32.26 16.69
N ARG B 122 30.14 31.52 16.39
CA ARG B 122 30.11 30.07 16.59
C ARG B 122 29.81 29.71 18.04
N GLU B 123 30.42 30.41 18.99
CA GLU B 123 30.19 30.14 20.40
C GLU B 123 28.74 30.44 20.81
N TYR B 124 28.19 31.56 20.35
CA TYR B 124 26.83 31.93 20.69
C TYR B 124 25.82 30.87 20.26
N LEU B 125 25.94 30.36 19.03
CA LEU B 125 24.99 29.38 18.52
C LEU B 125 25.09 28.05 19.27
N ALA B 126 26.27 27.71 19.77
CA ALA B 126 26.47 26.46 20.51
C ALA B 126 26.02 26.55 21.96
N SER B 127 25.69 27.74 22.46
CA SER B 127 25.29 27.92 23.86
C SER B 127 23.90 28.52 24.02
N THR B 128 23.17 28.75 22.92
CA THR B 128 21.87 29.40 23.00
C THR B 128 20.79 28.50 22.40
N PHE B 129 19.71 28.30 23.16
CA PHE B 129 18.54 27.54 22.73
C PHE B 129 17.74 28.37 21.72
N PRO B 130 17.25 27.75 20.64
CA PRO B 130 17.35 26.34 20.23
C PRO B 130 18.49 26.03 19.26
N PHE B 131 19.29 27.03 18.90
CA PHE B 131 20.40 26.86 17.97
C PHE B 131 21.34 25.73 18.35
N GLU B 132 21.48 25.44 19.65
CA GLU B 132 22.37 24.37 20.10
C GLU B 132 21.85 23.00 19.69
N GLN B 133 20.54 22.86 19.52
CA GLN B 133 19.90 21.60 19.16
C GLN B 133 19.83 21.39 17.65
N GLN B 134 20.58 22.17 16.88
CA GLN B 134 20.58 22.03 15.43
C GLN B 134 21.92 22.49 14.87
N SER B 135 22.16 22.13 13.60
CA SER B 135 23.35 22.46 12.84
C SER B 135 23.10 23.71 12.02
N THR B 136 24.13 24.16 11.32
CA THR B 136 24.03 25.32 10.44
C THR B 136 24.85 25.07 9.18
N ILE B 137 24.47 25.78 8.11
CA ILE B 137 25.23 25.68 6.86
C ILE B 137 26.65 26.21 7.03
N LEU B 138 26.84 27.21 7.90
CA LEU B 138 28.18 27.72 8.18
C LEU B 138 29.05 26.67 8.84
N ASP B 139 29.23 25.53 8.18
CA ASP B 139 30.11 24.48 8.69
C ASP B 139 30.98 23.86 7.61
N SER B 140 30.66 24.05 6.33
CA SER B 140 31.49 23.55 5.25
C SER B 140 32.52 24.57 4.77
N VAL B 141 32.40 25.82 5.21
CA VAL B 141 33.37 26.84 4.84
C VAL B 141 34.67 26.58 5.58
N LYS B 142 35.78 26.55 4.85
CA LYS B 142 37.09 26.26 5.42
C LYS B 142 37.68 27.53 6.02
N SER B 143 36.94 28.14 6.94
CA SER B 143 37.41 29.34 7.62
C SER B 143 36.96 29.36 9.08
N ILE B 144 36.26 28.31 9.51
CA ILE B 144 35.76 28.24 10.88
C ILE B 144 36.43 27.08 11.62
N PHE B 155 21.60 16.82 25.63
CA PHE B 155 20.91 15.77 26.38
C PHE B 155 20.84 16.16 27.86
N ASP B 156 20.14 15.34 28.64
CA ASP B 156 19.93 15.57 30.06
C ASP B 156 19.06 16.82 30.29
N LEU B 157 18.74 17.54 29.22
CA LEU B 157 17.80 18.64 29.28
C LEU B 157 16.57 18.38 28.42
N GLN B 158 16.68 17.49 27.43
CA GLN B 158 15.52 17.12 26.62
C GLN B 158 14.50 16.31 27.41
N LEU B 159 14.94 15.58 28.43
CA LEU B 159 14.05 14.75 29.23
C LEU B 159 13.02 15.57 30.00
N LYS B 160 13.45 16.58 30.75
CA LYS B 160 12.54 17.44 31.50
C LYS B 160 11.70 18.33 30.59
N PHE B 161 12.20 18.68 29.41
CA PHE B 161 11.46 19.45 28.44
C PHE B 161 10.30 18.67 27.85
N ARG B 162 10.55 17.41 27.47
CA ARG B 162 9.55 16.52 26.90
C ARG B 162 8.50 16.08 27.92
N GLN B 163 8.91 15.88 29.17
CA GLN B 163 8.00 15.51 30.25
C GLN B 163 6.96 16.57 30.53
N GLU B 164 7.36 17.85 30.49
CA GLU B 164 6.43 18.95 30.77
C GLU B 164 5.41 19.13 29.65
N ASN B 165 5.78 18.84 28.40
CA ASN B 165 4.83 18.95 27.30
C ASN B 165 3.70 17.95 27.45
N LEU B 166 4.01 16.71 27.85
CA LEU B 166 2.96 15.71 28.09
C LEU B 166 2.00 16.14 29.18
N ALA B 167 2.49 16.81 30.22
CA ALA B 167 1.64 17.29 31.31
C ALA B 167 0.66 18.37 30.85
N GLU B 168 1.07 19.27 29.95
CA GLU B 168 0.18 20.29 29.44
C GLU B 168 -0.90 19.71 28.51
N LEU B 169 -0.56 18.72 27.70
CA LEU B 169 -1.56 18.09 26.84
C LEU B 169 -2.63 17.41 27.68
N LYS B 170 -2.22 16.63 28.68
CA LYS B 170 -3.14 15.97 29.59
C LYS B 170 -4.07 16.97 30.28
N ASP B 171 -3.54 18.10 30.74
CA ASP B 171 -4.36 19.11 31.39
C ASP B 171 -5.45 19.68 30.48
N GLN B 172 -5.22 19.84 29.19
CA GLN B 172 -6.25 20.35 28.30
C GLN B 172 -7.34 19.33 27.99
N ILE B 173 -6.98 18.05 27.92
CA ILE B 173 -7.97 16.99 27.69
C ILE B 173 -8.94 16.89 28.86
N ILE B 174 -8.43 16.94 30.09
CA ILE B 174 -9.26 16.88 31.29
C ILE B 174 -10.34 17.96 31.27
N LEU B 175 -9.99 19.18 30.90
CA LEU B 175 -10.93 20.29 30.81
C LEU B 175 -12.01 20.06 29.76
N SER B 176 -11.65 19.58 28.57
CA SER B 176 -12.64 19.34 27.53
C SER B 176 -13.67 18.29 27.90
N LEU B 177 -13.34 17.30 28.74
CA LEU B 177 -14.34 16.31 29.14
C LEU B 177 -15.44 16.94 29.99
N GLY B 178 -15.23 18.16 30.46
CA GLY B 178 -16.24 18.86 31.23
C GLY B 178 -17.23 19.58 30.36
N ALA B 179 -17.22 19.28 29.06
CA ALA B 179 -18.14 19.88 28.12
C ALA B 179 -18.77 18.82 27.22
N ASN B 185 -14.80 10.70 21.38
CA ASN B 185 -14.60 10.08 22.68
C ASN B 185 -13.30 10.58 23.32
N TRP B 186 -13.40 11.68 24.06
CA TRP B 186 -12.24 12.24 24.75
C TRP B 186 -11.72 11.33 25.84
N GLN B 187 -12.58 10.51 26.46
CA GLN B 187 -12.14 9.62 27.51
C GLN B 187 -11.05 8.68 27.03
N LYS B 188 -11.16 8.19 25.79
CA LYS B 188 -10.19 7.29 25.21
C LYS B 188 -8.82 7.93 25.04
N LEU B 189 -8.76 9.21 24.66
CA LEU B 189 -7.51 9.93 24.47
C LEU B 189 -6.75 10.10 25.79
N LEU B 190 -7.48 10.29 26.89
CA LEU B 190 -6.86 10.44 28.19
C LEU B 190 -6.18 9.15 28.64
N ASP B 191 -6.77 8.00 28.35
CA ASP B 191 -6.12 6.74 28.71
C ASP B 191 -4.79 6.60 28.00
N TYR B 192 -4.74 6.89 26.69
CA TYR B 192 -3.47 6.79 25.96
C TYR B 192 -2.44 7.77 26.51
N THR B 193 -2.87 9.01 26.79
CA THR B 193 -1.95 10.01 27.31
C THR B 193 -1.37 9.58 28.66
N ASN B 194 -2.24 9.09 29.55
CA ASN B 194 -1.79 8.59 30.84
C ASN B 194 -0.88 7.38 30.72
N LYS B 195 -1.18 6.46 29.79
CA LYS B 195 -0.36 5.29 29.56
C LYS B 195 1.03 5.64 29.05
N LEU B 196 1.15 6.63 28.16
CA LEU B 196 2.48 7.02 27.69
C LEU B 196 3.30 7.66 28.80
N ASP B 197 2.69 8.54 29.61
CA ASP B 197 3.41 9.11 30.75
C ASP B 197 3.85 8.01 31.71
N GLU B 198 2.98 7.05 31.98
CA GLU B 198 3.31 5.95 32.88
C GLU B 198 4.45 5.08 32.32
N LEU B 199 4.40 4.75 31.03
CA LEU B 199 5.44 3.92 30.42
C LEU B 199 6.79 4.60 30.34
N SER B 200 6.84 5.91 30.14
CA SER B 200 8.10 6.63 29.97
C SER B 200 8.89 6.78 31.27
N ASN B 201 8.24 7.00 32.40
CA ASN B 201 8.98 7.24 33.65
C ASN B 201 9.08 5.97 34.49
N THR B 202 9.42 4.85 33.84
CA THR B 202 9.57 3.57 34.53
C THR B 202 10.68 2.77 33.85
N LYS B 203 11.57 2.19 34.65
CA LYS B 203 12.68 1.38 34.16
C LYS B 203 12.25 -0.07 34.09
N ILE B 204 11.73 -0.51 32.95
CA ILE B 204 11.27 -1.89 32.82
C ILE B 204 12.11 -2.63 31.79
N SER B 205 11.72 -3.87 31.49
CA SER B 205 12.46 -4.70 30.55
C SER B 205 12.21 -4.26 29.11
N PRO B 206 13.24 -4.30 28.27
CA PRO B 206 13.08 -3.96 26.84
C PRO B 206 11.94 -4.69 26.15
N GLU B 207 11.79 -5.99 26.43
CA GLU B 207 10.71 -6.77 25.82
C GLU B 207 9.34 -6.21 26.14
N GLU B 208 9.12 -5.82 27.40
CA GLU B 208 7.82 -5.26 27.76
C GLU B 208 7.59 -3.90 27.14
N PHE B 209 8.62 -3.04 27.11
CA PHE B 209 8.47 -1.76 26.44
C PHE B 209 8.09 -1.92 24.97
N ILE B 210 8.80 -2.79 24.24
CA ILE B 210 8.48 -3.03 22.84
C ILE B 210 7.03 -3.44 22.65
N GLU B 211 6.60 -4.48 23.37
CA GLU B 211 5.22 -4.96 23.22
C GLU B 211 4.17 -3.92 23.59
N GLU B 212 4.37 -3.17 24.68
CA GLU B 212 3.38 -2.17 25.09
C GLU B 212 3.28 -1.01 24.11
N ILE B 213 4.43 -0.49 23.63
CA ILE B 213 4.39 0.65 22.71
C ILE B 213 3.78 0.29 21.36
N GLN B 214 4.03 -0.93 20.87
CA GLN B 214 3.46 -1.35 19.59
C GLN B 214 1.93 -1.31 19.61
N LYS B 215 1.31 -1.76 20.70
CA LYS B 215 -0.15 -1.73 20.82
C LYS B 215 -0.71 -0.32 20.66
N VAL B 216 -0.15 0.65 21.38
CA VAL B 216 -0.60 2.05 21.30
C VAL B 216 -0.52 2.61 19.89
N LEU B 217 0.63 2.52 19.23
CA LEU B 217 0.81 3.09 17.90
C LEU B 217 -0.10 2.51 16.82
N TYR B 218 -0.29 1.19 16.78
CA TYR B 218 -1.12 0.55 15.75
C TYR B 218 -2.61 0.82 15.93
N LYS B 219 -3.07 0.99 17.17
CA LYS B 219 -4.49 1.24 17.42
C LYS B 219 -4.90 2.70 17.30
N VAL B 220 -4.01 3.60 16.87
CA VAL B 220 -4.37 5.01 16.75
C VAL B 220 -4.53 5.38 15.27
N SER B 228 -13.91 15.95 14.30
CA SER B 228 -13.73 17.39 14.43
C SER B 228 -12.27 17.78 14.25
N LYS B 229 -12.04 19.06 13.97
CA LYS B 229 -10.69 19.59 13.76
C LYS B 229 -9.80 19.49 14.97
N LEU B 230 -10.33 19.79 16.16
CA LEU B 230 -9.60 19.71 17.42
C LEU B 230 -9.14 18.29 17.77
N TYR B 231 -9.99 17.29 17.57
CA TYR B 231 -9.69 15.90 17.84
C TYR B 231 -8.51 15.37 17.04
N SER B 232 -8.44 15.67 15.74
CA SER B 232 -7.33 15.21 14.91
C SER B 232 -5.98 15.77 15.37
N GLN B 233 -5.94 17.04 15.77
CA GLN B 233 -4.71 17.64 16.24
C GLN B 233 -4.17 16.94 17.48
N PHE B 234 -5.03 16.63 18.44
CA PHE B 234 -4.61 15.93 19.65
C PHE B 234 -4.16 14.52 19.36
N ASN B 235 -4.89 13.83 18.48
CA ASN B 235 -4.58 12.47 18.05
C ASN B 235 -3.22 12.33 17.41
N LEU B 236 -2.79 13.29 16.58
CA LEU B 236 -1.47 13.25 15.95
C LEU B 236 -0.33 13.45 16.95
N SER B 237 -0.50 14.38 17.90
CA SER B 237 0.50 14.64 18.93
C SER B 237 0.83 13.40 19.74
N ILE B 238 -0.18 12.63 20.15
CA ILE B 238 0.06 11.37 20.86
C ILE B 238 0.95 10.43 20.07
N GLN B 239 0.70 10.26 18.79
CA GLN B 239 1.51 9.41 17.92
C GLN B 239 2.95 9.87 17.86
N ASP B 240 3.19 11.17 17.68
CA ASP B 240 4.54 11.76 17.64
C ASP B 240 5.29 11.62 18.96
N PHE B 241 4.60 11.78 20.09
CA PHE B 241 5.24 11.62 21.39
C PHE B 241 5.75 10.20 21.60
N ALA B 242 5.02 9.20 21.13
CA ALA B 242 5.49 7.82 21.26
C ALA B 242 6.83 7.63 20.55
N LEU B 243 6.99 8.24 19.38
CA LEU B 243 8.27 8.14 18.67
C LEU B 243 9.36 8.90 19.41
N GLN B 244 9.01 10.04 20.00
CA GLN B 244 10.01 10.76 20.80
C GLN B 244 10.46 9.93 22.00
N ILE B 245 9.54 9.17 22.59
CA ILE B 245 9.89 8.31 23.73
C ILE B 245 10.79 7.18 23.26
N ILE B 246 10.51 6.59 22.10
CA ILE B 246 11.39 5.56 21.56
C ILE B 246 12.79 6.13 21.38
N HIS B 247 12.88 7.33 20.80
CA HIS B 247 14.15 8.02 20.61
C HIS B 247 14.93 8.22 21.89
N SER B 248 14.30 8.71 22.95
CA SER B 248 15.03 8.95 24.21
C SER B 248 15.60 7.67 24.83
N LYS B 249 14.86 6.55 24.76
CA LYS B 249 15.35 5.29 25.31
C LYS B 249 16.60 4.77 24.59
N TYR B 250 16.67 4.92 23.27
CA TYR B 250 17.83 4.45 22.52
C TYR B 250 19.11 5.21 22.90
N LYS B 251 19.02 6.53 23.01
CA LYS B 251 20.20 7.33 23.36
C LYS B 251 20.70 7.05 24.78
N SER B 252 19.82 6.72 25.71
CA SER B 252 20.23 6.43 27.08
C SER B 252 20.64 4.97 27.29
N ASN B 253 20.75 4.21 26.20
CA ASN B 253 21.14 2.80 26.21
C ASN B 253 20.22 1.91 27.02
N GLN B 254 18.92 2.21 26.99
CA GLN B 254 17.93 1.40 27.67
C GLN B 254 17.39 0.33 26.72
N ILE B 255 17.66 0.49 25.43
CA ILE B 255 17.34 -0.49 24.40
C ILE B 255 18.54 -0.60 23.46
N SER B 256 18.84 -1.81 22.98
CA SER B 256 19.98 -1.99 22.09
C SER B 256 19.59 -1.69 20.64
N GLN B 257 20.61 -1.67 19.77
CA GLN B 257 20.42 -1.47 18.34
C GLN B 257 19.59 -2.56 17.69
N ASN B 258 19.78 -3.81 18.10
CA ASN B 258 19.00 -4.92 17.54
C ASN B 258 17.51 -4.80 17.84
N ASP B 259 17.15 -4.42 19.07
CA ASP B 259 15.74 -4.25 19.39
C ASP B 259 15.12 -3.10 18.60
N LEU B 260 15.86 -2.00 18.43
CA LEU B 260 15.36 -0.88 17.63
C LEU B 260 15.07 -1.30 16.19
N LEU B 261 16.00 -2.01 15.55
CA LEU B 261 15.81 -2.46 14.17
C LEU B 261 14.63 -3.41 14.03
N LYS B 262 14.39 -4.27 15.03
CA LYS B 262 13.24 -5.17 15.00
C LYS B 262 11.93 -4.40 14.86
N LEU B 263 11.81 -3.26 15.52
CA LEU B 263 10.64 -2.40 15.44
C LEU B 263 10.54 -1.63 14.13
N ILE B 264 11.53 -0.80 13.80
CA ILE B 264 11.43 0.20 12.73
C ILE B 264 11.57 -0.37 11.32
N THR B 265 11.94 -1.65 11.18
CA THR B 265 12.05 -2.25 9.86
C THR B 265 10.73 -2.84 9.38
N GLU B 266 9.68 -2.79 10.19
CA GLU B 266 8.36 -3.27 9.79
C GLU B 266 7.74 -2.27 8.84
N ASP B 267 7.17 -2.78 7.74
CA ASP B 267 6.53 -1.93 6.74
C ASP B 267 5.52 -0.97 7.35
N GLU B 268 4.70 -1.44 8.29
CA GLU B 268 3.73 -0.55 8.93
C GLU B 268 4.40 0.57 9.72
N MET B 269 5.51 0.27 10.39
CA MET B 269 6.25 1.31 11.09
C MET B 269 6.82 2.34 10.13
N LEU B 270 7.29 1.92 8.95
CA LEU B 270 7.79 2.88 7.97
C LEU B 270 6.68 3.79 7.47
N LYS B 271 5.49 3.25 7.21
CA LYS B 271 4.37 4.07 6.78
C LYS B 271 3.92 5.04 7.87
N ILE B 272 4.00 4.62 9.14
CA ILE B 272 3.69 5.49 10.26
C ILE B 272 4.71 6.61 10.37
N LEU B 273 5.99 6.29 10.22
CA LEU B 273 7.03 7.31 10.26
C LEU B 273 6.83 8.37 9.18
N ALA B 274 6.60 7.94 7.95
CA ALA B 274 6.37 8.86 6.84
C ALA B 274 5.16 9.75 7.05
N LYS B 275 4.00 9.16 7.36
CA LYS B 275 2.80 9.96 7.53
C LYS B 275 2.90 10.89 8.74
N THR B 276 3.45 10.42 9.86
CA THR B 276 3.50 11.27 11.03
C THR B 276 4.48 12.43 10.82
N LYS B 277 5.61 12.18 10.15
CA LYS B 277 6.55 13.26 9.86
C LYS B 277 5.89 14.32 8.99
N VAL B 278 5.32 13.90 7.86
CA VAL B 278 4.69 14.86 6.95
C VAL B 278 3.59 15.66 7.65
N LEU B 279 2.64 14.97 8.30
CA LEU B 279 1.54 15.66 8.94
C LEU B 279 1.98 16.56 10.09
N THR B 280 2.94 16.13 10.90
CA THR B 280 3.40 16.98 11.99
C THR B 280 4.11 18.21 11.46
N TYR B 281 4.95 18.07 10.44
CA TYR B 281 5.61 19.24 9.86
C TYR B 281 4.58 20.21 9.28
N LYS B 282 3.57 19.70 8.57
CA LYS B 282 2.52 20.55 8.04
C LYS B 282 1.73 21.27 9.12
N MET B 283 1.46 20.62 10.25
CA MET B 283 0.68 21.25 11.31
C MET B 283 1.37 22.45 11.94
N LYS B 284 2.69 22.49 11.94
CA LYS B 284 3.45 23.44 12.77
C LYS B 284 3.93 24.67 12.00
N TYR B 285 4.45 24.50 10.78
CA TYR B 285 5.09 25.60 10.09
C TYR B 285 4.42 26.04 8.78
N PHE B 286 3.40 25.34 8.31
CA PHE B 286 2.79 25.69 7.02
C PHE B 286 2.21 27.10 7.03
N ASP B 287 1.48 27.47 8.08
CA ASP B 287 0.91 28.82 8.12
C ASP B 287 1.99 29.88 8.25
N SER B 288 3.00 29.63 9.09
CA SER B 288 4.13 30.55 9.22
C SER B 288 4.84 30.75 7.89
N ALA B 289 5.24 29.64 7.24
CA ALA B 289 5.91 29.72 5.94
C ALA B 289 5.07 30.44 4.89
N SER B 290 3.76 30.22 4.90
CA SER B 290 2.88 30.87 3.94
C SER B 290 2.83 32.39 4.12
N LYS B 291 2.79 32.87 5.37
CA LYS B 291 2.77 34.30 5.62
C LYS B 291 4.06 35.00 5.19
N MET B 292 5.19 34.29 5.16
CA MET B 292 6.44 34.87 4.70
C MET B 292 6.72 34.62 3.22
N GLY B 293 6.20 33.55 2.65
CA GLY B 293 6.32 33.30 1.23
C GLY B 293 7.37 32.29 0.82
N ILE B 294 7.68 31.32 1.67
CA ILE B 294 8.69 30.31 1.38
C ILE B 294 8.08 28.92 1.27
N ASN B 295 6.74 28.84 1.30
CA ASN B 295 6.06 27.55 1.27
C ASN B 295 6.39 26.73 0.03
N LYS B 296 6.59 27.39 -1.11
CA LYS B 296 6.89 26.66 -2.34
C LYS B 296 8.25 25.96 -2.31
N TYR B 297 9.18 26.43 -1.48
CA TYR B 297 10.52 25.88 -1.41
C TYR B 297 10.71 24.84 -0.31
N ILE B 298 9.64 24.47 0.39
CA ILE B 298 9.72 23.39 1.37
C ILE B 298 10.11 22.11 0.67
N SER B 299 11.19 21.49 1.13
CA SER B 299 11.75 20.29 0.53
C SER B 299 11.71 19.13 1.52
N THR B 300 11.07 18.04 1.11
CA THR B 300 10.97 16.83 1.92
C THR B 300 12.33 16.31 2.38
N GLU B 301 13.34 16.43 1.52
CA GLU B 301 14.70 15.98 1.85
C GLU B 301 15.39 16.86 2.89
N MET B 302 14.72 17.88 3.43
CA MET B 302 15.37 18.80 4.35
C MET B 302 14.48 19.11 5.56
N MET B 303 13.52 18.24 5.84
CA MET B 303 12.65 18.41 6.99
C MET B 303 13.23 17.81 8.27
N ASP B 304 14.32 17.05 8.16
CA ASP B 304 14.95 16.41 9.30
C ASP B 304 16.13 17.21 9.85
N LEU B 305 16.41 18.37 9.27
CA LEU B 305 17.44 19.27 9.77
C LEU B 305 16.91 20.20 10.86
N ASP B 306 15.59 20.36 10.97
CA ASP B 306 14.99 21.19 11.99
C ASP B 306 15.16 20.55 13.37
N TRP B 307 15.40 21.38 14.38
CA TRP B 307 15.65 20.92 15.74
C TRP B 307 14.55 20.04 16.33
N GLN B 308 13.30 20.21 15.89
CA GLN B 308 12.20 19.41 16.41
C GLN B 308 12.04 18.07 15.72
N PHE B 309 12.81 17.78 14.66
CA PHE B 309 12.66 16.55 13.89
C PHE B 309 13.92 15.72 13.94
N SER B 310 14.76 15.95 14.96
CA SER B 310 16.02 15.24 15.16
C SER B 310 15.85 13.72 15.30
N HIS B 311 14.81 13.28 16.02
CA HIS B 311 14.55 11.85 16.19
C HIS B 311 14.42 11.11 14.86
N TYR B 312 13.82 11.71 13.84
CA TYR B 312 13.71 11.07 12.54
C TYR B 312 15.07 10.81 11.89
N LYS B 313 16.03 11.72 12.05
CA LYS B 313 17.36 11.53 11.48
C LYS B 313 18.12 10.33 12.05
N THR B 314 18.05 10.08 13.36
CA THR B 314 18.73 8.91 13.91
C THR B 314 18.17 7.63 13.30
N PHE B 315 16.84 7.53 13.17
CA PHE B 315 16.20 6.37 12.58
C PHE B 315 16.64 6.16 11.14
N ASN B 316 16.63 7.23 10.33
CA ASN B 316 17.07 7.11 8.94
C ASN B 316 18.53 6.69 8.84
N ASP B 317 19.40 7.23 9.69
CA ASP B 317 20.80 6.86 9.69
C ASP B 317 21.00 5.39 10.07
N ALA B 318 20.23 4.88 11.01
CA ALA B 318 20.36 3.47 11.40
C ALA B 318 19.92 2.55 10.26
N LEU B 319 18.82 2.90 9.58
CA LEU B 319 18.34 2.15 8.43
C LEU B 319 19.33 2.15 7.28
N LYS B 320 19.95 3.29 6.98
CA LYS B 320 20.92 3.35 5.88
C LYS B 320 22.11 2.43 6.16
N LYS B 321 22.67 2.49 7.36
CA LYS B 321 23.79 1.64 7.72
C LYS B 321 23.41 0.16 7.67
N ASN B 322 22.20 -0.20 8.10
CA ASN B 322 21.76 -1.60 8.10
C ASN B 322 21.45 -2.12 6.70
N LYS B 323 20.67 -1.38 5.92
CA LYS B 323 20.24 -1.80 4.57
C LYS B 323 19.79 -0.58 3.77
N ALA B 324 20.68 -0.11 2.90
CA ALA B 324 20.48 1.07 2.07
C ALA B 324 19.15 1.10 1.33
N SER B 325 18.63 -0.05 0.90
CA SER B 325 17.34 -0.10 0.21
C SER B 325 16.16 0.37 1.07
N ASP B 326 16.27 0.27 2.39
CA ASP B 326 15.22 0.74 3.27
C ASP B 326 15.11 2.25 3.31
N SER B 327 16.25 2.95 3.30
CA SER B 327 16.21 4.41 3.28
C SER B 327 15.60 4.92 1.98
N SER B 328 15.89 4.26 0.86
CA SER B 328 15.33 4.68 -0.41
C SER B 328 13.83 4.43 -0.48
N TYR B 329 13.38 3.29 0.04
CA TYR B 329 11.94 3.01 0.08
C TYR B 329 11.21 4.00 0.98
N LEU B 330 11.79 4.29 2.15
CA LEU B 330 11.20 5.29 3.05
C LEU B 330 11.11 6.65 2.38
N GLY B 331 12.17 7.08 1.70
CA GLY B 331 12.14 8.36 1.00
C GLY B 331 11.05 8.44 -0.06
N TRP B 332 10.90 7.35 -0.82
CA TRP B 332 9.86 7.30 -1.85
C TRP B 332 8.48 7.41 -1.23
N LEU B 333 8.25 6.71 -0.11
CA LEU B 333 6.97 6.80 0.57
C LEU B 333 6.73 8.21 1.07
N THR B 334 7.74 8.80 1.70
CA THR B 334 7.60 10.13 2.29
C THR B 334 7.21 11.15 1.24
N HIS B 335 7.91 11.14 0.10
CA HIS B 335 7.56 12.12 -0.93
C HIS B 335 6.18 11.84 -1.51
N GLY B 336 5.80 10.56 -1.66
CA GLY B 336 4.43 10.27 -2.07
C GLY B 336 3.39 10.87 -1.14
N TYR B 337 3.63 10.82 0.16
CA TYR B 337 2.73 11.45 1.11
C TYR B 337 2.79 12.97 1.07
N SER B 338 3.95 13.54 0.75
CA SER B 338 4.04 14.99 0.59
C SER B 338 3.14 15.44 -0.54
N ILE B 339 3.12 14.66 -1.63
CA ILE B 339 2.27 14.94 -2.78
C ILE B 339 0.80 14.80 -2.40
N LYS B 340 0.43 13.66 -1.80
CA LYS B 340 -0.95 13.36 -1.40
C LYS B 340 -1.57 14.42 -0.50
N TYR B 341 -0.83 15.01 0.43
CA TYR B 341 -1.41 15.92 1.40
C TYR B 341 -1.20 17.41 1.08
N GLY B 342 -1.15 17.76 -0.20
CA GLY B 342 -1.12 19.14 -0.63
C GLY B 342 0.13 19.95 -0.37
N LEU B 343 1.29 19.32 -0.21
CA LEU B 343 2.51 20.11 -0.04
C LEU B 343 3.14 20.44 -1.38
N SER B 344 2.91 19.63 -2.40
CA SER B 344 3.41 19.82 -3.76
C SER B 344 2.23 19.71 -4.72
N PRO B 345 1.49 20.80 -4.94
CA PRO B 345 0.29 20.73 -5.79
C PRO B 345 0.59 20.80 -7.29
N ASN B 346 -0.14 19.97 -8.05
CA ASN B 346 -0.03 19.93 -9.49
C ASN B 346 -1.33 19.45 -10.09
N ASN B 347 -1.71 20.06 -11.23
CA ASN B 347 -2.93 19.68 -11.93
C ASN B 347 -2.88 18.25 -12.44
N GLU B 348 -1.74 17.81 -12.96
CA GLU B 348 -1.60 16.46 -13.48
C GLU B 348 -1.05 15.51 -12.41
N ARG B 349 -1.49 14.26 -12.48
CA ARG B 349 -1.03 13.22 -11.56
C ARG B 349 0.44 12.88 -11.81
N SER B 350 1.11 12.48 -10.73
CA SER B 350 2.52 12.09 -10.78
C SER B 350 2.73 10.90 -11.72
N MET B 351 3.99 10.68 -12.07
CA MET B 351 4.37 9.56 -12.93
C MET B 351 5.44 8.65 -12.32
N PHE B 352 5.83 8.88 -11.06
CA PHE B 352 6.85 8.08 -10.41
C PHE B 352 6.46 7.59 -9.02
N PHE B 353 5.56 8.28 -8.33
CA PHE B 353 5.24 7.98 -6.95
C PHE B 353 3.82 7.45 -6.82
N GLN B 354 3.49 7.01 -5.60
CA GLN B 354 2.17 6.52 -5.22
C GLN B 354 1.73 5.29 -6.03
N ASP B 355 2.69 4.50 -6.53
CA ASP B 355 2.36 3.32 -7.31
C ASP B 355 3.44 2.27 -7.12
N GLY B 356 3.09 1.13 -6.51
CA GLY B 356 4.03 0.06 -6.26
C GLY B 356 4.80 -0.42 -7.48
N ARG B 357 4.17 -0.39 -8.65
CA ARG B 357 4.82 -0.79 -9.89
C ARG B 357 5.95 0.17 -10.27
N LYS B 358 5.78 1.46 -9.96
CA LYS B 358 6.80 2.42 -10.31
C LYS B 358 8.01 2.26 -9.41
N TYR B 359 7.78 1.98 -8.12
CA TYR B 359 8.90 1.66 -7.24
C TYR B 359 9.62 0.42 -7.73
N ALA B 360 8.86 -0.58 -8.19
CA ALA B 360 9.47 -1.80 -8.70
C ALA B 360 10.36 -1.51 -9.90
N GLU B 361 9.91 -0.60 -10.78
CA GLU B 361 10.72 -0.25 -11.94
C GLU B 361 11.99 0.50 -11.52
N LEU B 362 11.87 1.44 -10.58
CA LEU B 362 13.04 2.16 -10.11
C LEU B 362 14.05 1.23 -9.43
N TYR B 363 13.55 0.27 -8.64
CA TYR B 363 14.42 -0.70 -7.98
C TYR B 363 15.12 -1.58 -9.01
N ALA B 364 14.37 -2.08 -9.99
CA ALA B 364 14.96 -2.89 -11.04
C ALA B 364 16.06 -2.13 -11.77
N PHE B 365 15.84 -0.83 -11.99
CA PHE B 365 16.84 -0.01 -12.66
C PHE B 365 18.08 0.19 -11.82
N SER B 366 17.94 0.38 -10.50
CA SER B 366 19.15 0.62 -9.72
C SER B 366 20.04 -0.63 -9.68
N LYS B 367 19.42 -1.82 -9.70
CA LYS B 367 20.18 -3.07 -9.71
C LYS B 367 20.48 -3.49 -11.15
N SER B 368 21.42 -2.79 -11.77
CA SER B 368 21.78 -3.09 -13.16
C SER B 368 23.27 -2.86 -13.42
N PRO B 369 24.08 -3.92 -13.39
CA PRO B 369 25.47 -3.77 -13.86
C PRO B 369 25.56 -3.39 -15.32
N HIS B 370 24.60 -3.84 -16.14
CA HIS B 370 24.57 -3.50 -17.55
C HIS B 370 24.15 -2.05 -17.72
N ARG B 371 25.04 -1.21 -18.26
CA ARG B 371 24.81 0.22 -18.34
C ARG B 371 24.12 0.60 -19.64
N LYS B 372 23.04 -0.14 -19.95
CA LYS B 372 22.14 0.19 -21.06
C LYS B 372 22.88 0.30 -22.40
N ILE B 373 23.44 -0.82 -22.82
CA ILE B 373 23.97 -0.95 -24.18
C ILE B 373 22.83 -1.46 -25.06
N ILE B 374 22.10 -0.54 -25.66
CA ILE B 374 20.86 -0.84 -26.39
C ILE B 374 19.93 -1.59 -25.45
N PRO B 375 19.30 -0.90 -24.48
CA PRO B 375 18.46 -1.60 -23.50
C PRO B 375 17.19 -2.18 -24.09
N GLY B 376 16.37 -2.81 -23.25
CA GLY B 376 15.15 -3.44 -23.72
C GLY B 376 13.99 -2.46 -23.71
N GLU B 377 12.92 -2.83 -24.42
CA GLU B 377 11.72 -2.00 -24.53
C GLU B 377 10.92 -1.95 -23.25
N HIS B 378 11.23 -2.81 -22.28
CA HIS B 378 10.46 -2.90 -21.05
C HIS B 378 10.80 -1.80 -20.05
N LEU B 379 11.84 -1.02 -20.31
CA LEU B 379 12.25 0.04 -19.39
C LEU B 379 12.67 1.30 -20.16
N LYS B 380 12.27 1.38 -21.43
CA LYS B 380 12.62 2.52 -22.26
C LYS B 380 11.64 3.67 -22.11
N ASP B 381 10.48 3.46 -21.48
CA ASP B 381 9.54 4.53 -21.23
C ASP B 381 9.93 5.40 -20.05
N LEU B 382 10.72 4.88 -19.11
CA LEU B 382 11.21 5.65 -17.97
C LEU B 382 12.11 6.79 -18.37
N LEU B 383 13.03 6.57 -19.31
CA LEU B 383 13.91 7.62 -19.79
C LEU B 383 13.15 8.76 -20.46
N ALA B 384 12.09 8.44 -21.21
CA ALA B 384 11.27 9.48 -21.82
C ALA B 384 10.61 10.36 -20.76
N LYS B 385 10.13 9.75 -19.67
CA LYS B 385 9.51 10.50 -18.61
C LYS B 385 10.52 11.38 -17.89
N ILE B 386 11.74 10.85 -17.66
CA ILE B 386 12.78 11.64 -17.02
C ILE B 386 13.17 12.83 -17.89
N ASN B 387 13.32 12.59 -19.20
CA ASN B 387 13.68 13.64 -20.14
C ASN B 387 12.61 14.72 -20.25
N LYS B 388 11.33 14.34 -20.18
CA LYS B 388 10.27 15.33 -20.21
C LYS B 388 10.34 16.26 -19.00
N SER B 389 10.65 15.71 -17.83
CA SER B 389 10.77 16.55 -16.64
C SER B 389 12.01 17.44 -16.72
N LYS B 390 13.12 16.91 -17.22
CA LYS B 390 14.30 17.76 -17.37
C LYS B 390 14.03 18.88 -18.37
N GLY B 391 13.33 18.56 -19.46
CA GLY B 391 12.96 19.57 -20.45
C GLY B 391 12.10 20.66 -19.85
N ILE B 392 11.12 20.29 -19.03
CA ILE B 392 10.26 21.27 -18.38
C ILE B 392 11.05 22.13 -17.41
N PHE B 393 11.87 21.52 -16.55
CA PHE B 393 12.68 22.25 -15.59
C PHE B 393 13.58 23.29 -16.27
N LEU B 394 14.26 22.90 -17.35
CA LEU B 394 15.16 23.79 -18.07
C LEU B 394 14.42 24.83 -18.93
N ASP B 395 13.14 24.60 -19.22
CA ASP B 395 12.39 25.53 -20.06
C ASP B 395 12.07 26.82 -19.31
N GLN B 396 12.78 27.89 -19.68
CA GLN B 396 12.63 29.22 -19.10
C GLN B 396 11.27 29.86 -19.36
N ASN B 397 10.51 29.35 -20.32
CA ASN B 397 9.18 29.89 -20.61
C ASN B 397 8.07 29.17 -19.84
N ALA B 398 8.40 28.09 -19.14
CA ALA B 398 7.40 27.34 -18.39
C ALA B 398 7.03 28.11 -17.12
N LEU B 399 5.81 27.88 -16.63
CA LEU B 399 5.29 28.49 -15.41
C LEU B 399 6.10 28.08 -14.19
N LEU B 400 6.28 29.04 -13.29
CA LEU B 400 7.01 28.88 -12.04
C LEU B 400 6.57 27.65 -11.24
N ASP B 401 5.26 27.44 -11.14
CA ASP B 401 4.69 26.31 -10.40
C ASP B 401 5.13 24.95 -10.93
N LYS B 402 5.21 24.81 -12.26
CA LYS B 402 5.63 23.58 -12.93
C LYS B 402 7.12 23.28 -12.74
N ARG B 403 7.96 24.30 -12.92
CA ARG B 403 9.41 24.13 -12.79
C ARG B 403 9.79 23.69 -11.38
N ILE B 404 9.16 24.26 -10.35
CA ILE B 404 9.53 23.88 -8.98
C ILE B 404 9.06 22.46 -8.68
N TYR B 405 7.90 22.06 -9.22
CA TYR B 405 7.43 20.69 -9.04
C TYR B 405 8.39 19.71 -9.68
N ALA B 406 8.81 20.00 -10.91
CA ALA B 406 9.79 19.15 -11.59
C ALA B 406 11.11 19.09 -10.81
N PHE B 407 11.53 20.22 -10.25
CA PHE B 407 12.74 20.23 -9.43
C PHE B 407 12.61 19.28 -8.25
N HIS B 408 11.50 19.38 -7.50
CA HIS B 408 11.32 18.51 -6.34
C HIS B 408 11.29 17.04 -6.73
N GLU B 409 10.63 16.72 -7.84
CA GLU B 409 10.61 15.33 -8.32
C GLU B 409 12.00 14.83 -8.67
N LEU B 410 12.76 15.60 -9.46
CA LEU B 410 14.10 15.19 -9.87
C LEU B 410 15.08 15.11 -8.70
N ASN B 411 14.97 16.01 -7.72
CA ASN B 411 15.88 15.99 -6.58
C ASN B 411 15.76 14.71 -5.75
N THR B 412 14.54 14.24 -5.49
CA THR B 412 14.38 13.00 -4.74
C THR B 412 14.92 11.80 -5.49
N LEU B 413 14.63 11.70 -6.79
CA LEU B 413 15.12 10.58 -7.60
C LEU B 413 16.64 10.48 -7.59
N GLU B 414 17.33 11.60 -7.78
CA GLU B 414 18.80 11.58 -7.80
C GLU B 414 19.40 11.30 -6.43
N THR B 415 18.78 11.78 -5.35
CA THR B 415 19.32 11.53 -4.01
C THR B 415 19.28 10.05 -3.66
N HIS B 416 18.18 9.37 -3.96
CA HIS B 416 17.99 7.98 -3.54
C HIS B 416 18.29 6.94 -4.62
N PHE B 417 18.37 7.34 -5.89
CA PHE B 417 18.73 6.44 -7.00
C PHE B 417 19.83 7.09 -7.83
N PRO B 418 21.03 7.21 -7.27
CA PRO B 418 22.14 7.89 -7.96
C PRO B 418 22.38 7.39 -9.38
N GLY B 419 22.46 8.34 -10.32
CA GLY B 419 22.72 8.07 -11.72
C GLY B 419 21.49 7.97 -12.59
N ILE B 420 20.29 7.91 -12.01
CA ILE B 420 19.08 7.79 -12.82
C ILE B 420 18.83 9.01 -13.69
N THR B 421 19.20 10.21 -13.22
CA THR B 421 18.94 11.43 -13.98
C THR B 421 20.15 11.87 -14.80
N SER B 422 21.20 11.06 -14.83
CA SER B 422 22.41 11.44 -15.56
C SER B 422 22.35 10.88 -16.97
N SER B 423 22.67 11.72 -17.96
CA SER B 423 22.80 11.22 -19.33
C SER B 423 23.85 12.00 -20.11
N PHE B 424 25.07 11.47 -20.19
CA PHE B 424 26.22 12.16 -20.75
C PHE B 424 25.92 12.66 -22.17
N THR B 425 26.78 13.55 -22.67
CA THR B 425 26.70 14.24 -23.96
C THR B 425 25.66 15.36 -24.06
N ASP B 426 24.44 15.16 -23.56
CA ASP B 426 23.45 16.24 -23.64
C ASP B 426 23.26 16.94 -22.31
N ASP B 427 24.27 16.90 -21.45
CA ASP B 427 24.26 17.47 -20.11
C ASP B 427 25.42 18.44 -19.92
N LEU B 428 26.56 18.16 -20.55
CA LEU B 428 27.70 19.05 -20.45
C LEU B 428 27.44 20.42 -21.07
N LYS B 429 26.80 20.50 -22.24
CA LYS B 429 26.51 21.81 -22.80
C LYS B 429 25.40 22.48 -22.00
N SER B 430 24.35 21.72 -21.68
CA SER B 430 23.18 22.21 -20.97
C SER B 430 23.48 22.13 -19.47
N ASN B 431 24.07 23.19 -18.92
CA ASN B 431 24.48 23.13 -17.52
C ASN B 431 23.28 22.74 -16.65
N TYR B 432 23.36 21.55 -16.04
CA TYR B 432 22.28 20.98 -15.24
C TYR B 432 22.66 20.76 -13.78
N ARG B 433 23.81 20.11 -13.55
CA ARG B 433 24.30 19.82 -12.20
C ARG B 433 24.42 21.07 -11.34
N LYS B 434 25.10 22.10 -11.86
CA LYS B 434 25.24 23.36 -11.14
C LYS B 434 23.90 24.01 -10.84
N LYS B 435 22.93 23.92 -11.74
CA LYS B 435 21.62 24.49 -11.47
C LYS B 435 20.90 23.77 -10.34
N MET B 436 20.95 22.43 -10.31
CA MET B 436 20.37 21.71 -9.18
C MET B 436 21.03 22.07 -7.86
N GLU B 437 22.36 22.17 -7.82
CA GLU B 437 23.06 22.59 -6.61
C GLU B 437 22.61 23.97 -6.15
N SER B 438 22.40 24.89 -7.09
CA SER B 438 22.01 26.25 -6.75
C SER B 438 20.64 26.28 -6.10
N VAL B 439 19.66 25.59 -6.70
CA VAL B 439 18.33 25.57 -6.11
C VAL B 439 18.32 24.88 -4.75
N SER B 440 19.15 23.85 -4.57
CA SER B 440 19.19 23.13 -3.29
C SER B 440 19.76 24.01 -2.18
N LEU B 441 20.80 24.80 -2.50
CA LEU B 441 21.34 25.76 -1.55
C LEU B 441 20.31 26.84 -1.21
N THR B 442 19.58 27.33 -2.21
CA THR B 442 18.55 28.33 -1.98
C THR B 442 17.50 27.82 -1.00
N CYS B 443 17.01 26.58 -1.20
CA CYS B 443 16.04 26.00 -0.28
C CYS B 443 16.56 25.93 1.15
N GLN B 444 17.81 25.50 1.35
CA GLN B 444 18.38 25.39 2.69
C GLN B 444 18.45 26.76 3.37
N VAL B 445 18.94 27.76 2.63
CA VAL B 445 19.06 29.12 3.15
C VAL B 445 17.70 29.68 3.58
N LEU B 446 16.67 29.50 2.75
CA LEU B 446 15.36 30.03 3.13
C LEU B 446 14.83 29.40 4.41
N GLN B 447 15.10 28.11 4.62
CA GLN B 447 14.68 27.45 5.85
C GLN B 447 15.40 28.02 7.08
N GLU B 448 16.72 28.22 6.97
CA GLU B 448 17.43 28.81 8.10
C GLU B 448 16.96 30.23 8.38
N ILE B 449 16.61 30.99 7.35
CA ILE B 449 16.11 32.33 7.55
C ILE B 449 14.75 32.29 8.24
N GLY B 450 13.88 31.36 7.84
CA GLY B 450 12.59 31.25 8.50
C GLY B 450 12.72 30.97 9.99
N ASN B 451 13.67 30.09 10.36
CA ASN B 451 13.90 29.82 11.78
C ASN B 451 14.41 31.05 12.52
N ILE B 452 15.27 31.84 11.87
CA ILE B 452 15.76 33.04 12.54
C ILE B 452 14.63 34.05 12.70
N HIS B 453 13.79 34.18 11.68
CA HIS B 453 12.66 35.10 11.75
C HIS B 453 11.72 34.72 12.88
N ARG B 454 11.35 33.43 12.98
CA ARG B 454 10.50 33.01 14.08
C ARG B 454 11.16 33.24 15.44
N PHE B 455 12.48 33.13 15.53
CA PHE B 455 13.16 33.38 16.79
C PHE B 455 13.07 34.83 17.23
N ILE B 456 13.41 35.76 16.34
CA ILE B 456 13.34 37.19 16.66
C ILE B 456 11.93 37.62 17.00
N GLU B 457 10.94 37.09 16.28
CA GLU B 457 9.53 37.39 16.52
C GLU B 457 9.01 36.84 17.84
N SER B 458 9.80 36.06 18.58
CA SER B 458 9.36 35.52 19.86
C SER B 458 9.72 36.41 21.04
N LYS B 459 10.67 37.33 20.88
CA LYS B 459 11.10 38.22 21.97
C LYS B 459 10.38 39.55 21.86
N VAL B 460 9.10 39.55 22.19
CA VAL B 460 8.24 40.73 22.13
C VAL B 460 7.56 40.88 23.48
N PRO B 461 7.48 42.08 24.05
CA PRO B 461 6.85 42.22 25.36
C PRO B 461 5.40 41.75 25.38
N TYR B 462 5.02 41.10 26.48
CA TYR B 462 3.68 40.57 26.68
C TYR B 462 3.31 39.59 25.56
N HIS B 463 3.96 38.43 25.57
CA HIS B 463 3.80 37.46 24.51
C HIS B 463 2.75 36.41 24.86
N SER B 464 3.07 35.56 25.85
CA SER B 464 2.12 34.57 26.38
C SER B 464 1.55 33.67 25.28
N SER B 465 2.41 33.15 24.41
CA SER B 465 2.00 32.28 23.30
C SER B 465 3.27 31.79 22.60
N THR B 466 3.18 30.63 21.95
CA THR B 466 4.35 30.08 21.28
C THR B 466 4.22 30.27 19.78
N GLU B 467 5.35 30.57 19.14
CA GLU B 467 5.45 30.73 17.69
C GLU B 467 5.94 29.46 16.99
N TYR B 468 6.21 28.40 17.74
CA TYR B 468 6.76 27.17 17.17
C TYR B 468 5.72 26.06 17.05
N GLY B 469 4.45 26.39 17.16
CA GLY B 469 3.38 25.42 17.02
C GLY B 469 2.84 24.93 18.35
N LEU B 470 1.75 24.17 18.24
CA LEU B 470 1.04 23.57 19.36
C LEU B 470 1.96 22.66 20.18
N PHE B 471 1.96 22.87 21.50
CA PHE B 471 2.77 22.09 22.45
C PHE B 471 4.24 21.99 22.02
N SER B 472 4.82 23.16 21.74
CA SER B 472 6.22 23.19 21.34
C SER B 472 7.15 23.60 22.47
N ILE B 473 6.85 24.71 23.15
CA ILE B 473 7.70 25.21 24.23
C ILE B 473 6.84 25.47 25.46
N PRO B 474 7.03 24.70 26.55
CA PRO B 474 6.25 24.93 27.77
C PRO B 474 6.62 26.22 28.49
N LYS B 475 5.65 26.78 29.22
CA LYS B 475 5.81 28.03 29.95
C LYS B 475 7.07 28.05 30.81
N ILE B 476 7.39 26.94 31.46
CA ILE B 476 8.57 26.84 32.32
C ILE B 476 9.86 27.06 31.54
N PHE B 477 9.94 26.55 30.31
CA PHE B 477 11.15 26.67 29.51
C PHE B 477 11.02 27.69 28.39
N SER B 478 10.12 28.66 28.56
CA SER B 478 9.89 29.70 27.56
C SER B 478 11.13 30.56 27.35
N ILE B 479 11.24 31.09 26.12
CA ILE B 479 12.31 31.97 25.68
C ILE B 479 12.25 33.28 26.45
N PRO B 480 13.37 33.74 27.04
CA PRO B 480 13.35 35.00 27.79
C PRO B 480 12.97 36.21 26.94
N ILE B 481 12.19 37.09 27.57
CA ILE B 481 11.67 38.31 26.96
C ILE B 481 12.76 39.31 26.60
N ASP B 482 13.80 39.43 27.42
CA ASP B 482 14.82 40.42 27.08
C ASP B 482 16.00 39.80 26.34
N TYR B 483 16.75 40.67 25.68
CA TYR B 483 17.96 40.34 24.94
C TYR B 483 19.19 40.26 25.82
N LYS B 484 19.94 39.17 25.68
CA LYS B 484 21.20 38.97 26.38
C LYS B 484 22.28 39.83 25.71
N HIS B 485 23.24 40.28 26.52
CA HIS B 485 24.28 41.18 26.07
C HIS B 485 25.05 40.58 24.89
N GLY B 486 25.15 41.34 23.80
CA GLY B 486 25.83 40.90 22.59
C GLY B 486 25.01 40.06 21.63
N GLU B 487 23.76 39.73 21.99
CA GLU B 487 22.90 38.92 21.15
C GLU B 487 22.54 39.58 19.82
N LYS B 488 22.16 40.85 19.84
CA LYS B 488 21.81 41.58 18.61
C LYS B 488 22.95 41.58 17.59
N GLU B 489 24.18 41.81 18.06
CA GLU B 489 25.31 41.85 17.16
C GLU B 489 25.57 40.47 16.55
N ASN B 490 25.43 39.43 17.37
CA ASN B 490 25.66 38.09 16.87
C ASN B 490 24.60 37.71 15.84
N LEU B 491 23.36 38.13 16.06
CA LEU B 491 22.30 37.80 15.11
C LEU B 491 22.54 38.49 13.77
N VAL B 492 22.92 39.77 13.81
CA VAL B 492 23.20 40.48 12.56
C VAL B 492 24.39 39.86 11.84
N SER B 493 25.42 39.46 12.60
CA SER B 493 26.58 38.80 11.98
C SER B 493 26.19 37.47 11.35
N TYR B 494 25.32 36.71 12.03
CA TYR B 494 24.86 35.43 11.50
C TYR B 494 24.15 35.65 10.16
N VAL B 495 23.22 36.61 10.14
CA VAL B 495 22.48 36.92 8.91
C VAL B 495 23.44 37.32 7.80
N ASP B 496 24.34 38.26 8.07
CA ASP B 496 25.29 38.71 7.05
C ASP B 496 26.16 37.59 6.52
N PHE B 497 26.70 36.73 7.39
CA PHE B 497 27.52 35.62 6.95
C PHE B 497 26.74 34.61 6.12
N LEU B 498 25.46 34.41 6.47
CA LEU B 498 24.58 33.49 5.75
C LEU B 498 24.32 33.97 4.32
N TYR B 499 23.99 35.25 4.13
CA TYR B 499 23.77 35.77 2.79
C TYR B 499 25.06 35.90 1.98
N SER B 500 26.19 36.18 2.61
CA SER B 500 27.47 36.29 1.92
C SER B 500 28.01 34.94 1.44
N THR B 501 27.80 33.86 2.20
CA THR B 501 28.23 32.54 1.79
C THR B 501 27.46 32.00 0.59
N ALA B 502 26.15 32.24 0.53
CA ALA B 502 25.30 31.83 -0.59
C ALA B 502 25.76 32.40 -1.92
N HIS B 503 25.93 33.72 -2.00
CA HIS B 503 26.34 34.42 -3.21
C HIS B 503 27.61 33.88 -3.86
N GLU B 504 28.56 33.39 -3.09
CA GLU B 504 29.78 32.86 -3.69
C GLU B 504 29.63 31.47 -4.33
N ARG B 505 28.41 30.94 -4.45
CA ARG B 505 28.21 29.59 -4.95
C ARG B 505 27.14 29.49 -6.04
N ILE B 506 26.10 30.32 -6.00
CA ILE B 506 25.00 30.26 -6.95
C ILE B 506 25.47 30.66 -8.34
N LEU B 507 24.79 30.11 -9.34
CA LEU B 507 25.01 30.45 -10.75
C LEU B 507 24.24 31.71 -11.13
N GLN B 508 24.98 32.68 -11.66
CA GLN B 508 24.47 33.98 -12.11
C GLN B 508 24.42 33.98 -13.64
N ASP B 509 23.20 33.91 -14.18
CA ASP B 509 23.00 33.81 -15.62
C ASP B 509 21.57 34.28 -15.94
N ASN B 510 21.04 34.00 -17.11
CA ASN B 510 19.69 34.43 -17.47
C ASN B 510 18.69 33.28 -17.51
N SER B 511 19.16 32.06 -17.76
CA SER B 511 18.31 30.88 -17.81
C SER B 511 17.80 30.39 -16.47
N ILE B 512 18.37 30.82 -15.35
CA ILE B 512 17.87 30.29 -14.07
C ILE B 512 17.51 31.38 -13.07
N ASN B 513 17.98 32.61 -13.27
CA ASN B 513 17.76 33.69 -12.29
C ASN B 513 16.28 33.95 -12.00
N GLN B 514 15.54 32.90 -11.67
CA GLN B 514 14.13 32.98 -11.37
C GLN B 514 13.80 32.09 -10.18
N LEU B 515 14.55 30.99 -10.01
CA LEU B 515 14.36 30.01 -8.96
C LEU B 515 15.36 30.20 -7.82
N CYS B 516 16.33 31.10 -7.98
CA CYS B 516 17.39 31.27 -6.98
C CYS B 516 17.64 32.71 -6.54
N LEU B 517 18.23 33.52 -7.43
CA LEU B 517 18.59 34.90 -7.06
C LEU B 517 17.37 35.74 -6.67
N ASP B 518 16.28 35.64 -7.43
CA ASP B 518 15.10 36.47 -7.15
C ASP B 518 14.51 36.21 -5.78
N PRO B 519 14.16 34.96 -5.42
CA PRO B 519 13.64 34.72 -4.06
C PRO B 519 14.61 35.13 -2.97
N LEU B 520 15.91 34.90 -3.16
CA LEU B 520 16.88 35.30 -2.15
C LEU B 520 16.89 36.81 -1.95
N GLN B 521 16.83 37.57 -3.05
CA GLN B 521 16.80 39.02 -2.94
C GLN B 521 15.54 39.48 -2.23
N GLU B 522 14.39 38.92 -2.62
CA GLU B 522 13.13 39.30 -1.98
C GLU B 522 13.16 39.00 -0.48
N SER B 523 13.71 37.85 -0.10
CA SER B 523 13.80 37.51 1.32
C SER B 523 14.72 38.46 2.05
N LEU B 524 15.86 38.81 1.44
CA LEU B 524 16.77 39.79 2.05
C LEU B 524 16.05 41.11 2.26
N ASN B 525 15.30 41.57 1.25
CA ASN B 525 14.53 42.80 1.37
C ASN B 525 13.56 42.74 2.54
N ARG B 526 12.91 41.59 2.73
CA ARG B 526 11.93 41.46 3.81
C ARG B 526 12.59 41.46 5.18
N ILE B 527 13.66 40.68 5.35
CA ILE B 527 14.34 40.59 6.65
C ILE B 527 14.94 41.92 7.07
N LYS B 528 15.58 42.64 6.16
CA LYS B 528 16.20 43.91 6.52
C LYS B 528 15.18 44.99 6.88
N SER B 529 13.96 44.91 6.37
CA SER B 529 12.93 45.87 6.74
C SER B 529 12.37 45.65 8.14
N ASN B 530 12.19 44.39 8.55
CA ASN B 530 11.65 44.02 9.85
C ASN B 530 12.62 44.15 11.02
N ILE B 531 13.88 43.75 10.85
CA ILE B 531 14.85 43.78 11.96
C ILE B 531 14.96 45.15 12.64
N PRO B 532 15.09 46.27 11.92
CA PRO B 532 15.20 47.56 12.62
C PRO B 532 13.96 47.93 13.42
N VAL B 533 12.83 47.28 13.15
CA VAL B 533 11.60 47.55 13.90
C VAL B 533 11.54 46.72 15.18
N PHE B 534 11.88 45.44 15.10
CA PHE B 534 11.76 44.56 16.26
C PHE B 534 12.81 44.86 17.32
N PHE B 535 13.95 45.43 16.93
CA PHE B 535 15.02 45.74 17.87
C PHE B 535 14.83 47.07 18.58
N ASN B 536 13.68 47.72 18.40
CA ASN B 536 13.36 48.98 19.06
C ASN B 536 12.03 48.86 19.80
N LEU B 537 11.88 47.75 20.53
CA LEU B 537 10.68 47.46 21.31
C LEU B 537 9.44 47.45 20.43
#